data_6KY7
#
_entry.id   6KY7
#
_cell.length_a   54.080
_cell.length_b   80.640
_cell.length_c   76.130
_cell.angle_alpha   90.000
_cell.angle_beta   102.800
_cell.angle_gamma   90.000
#
_symmetry.space_group_name_H-M   'P 1 21 1'
#
loop_
_entity.id
_entity.type
_entity.pdbx_description
1 polymer Lactoperoxidase
2 non-polymer 2-acetamido-2-deoxy-beta-D-glucopyranose
3 non-polymer 'CALCIUM ION'
4 non-polymer 'PROTOPORPHYRIN IX CONTAINING FE'
5 non-polymer 'IODIDE ION'
6 non-polymer 1-(OXIDOSULFANYL)METHANAMINE
7 non-polymer 'THIOCYANATE ION'
8 non-polymer 'HYDROGEN PEROXIDE'
9 water water
#
_entity_poly.entity_id   1
_entity_poly.type   'polypeptide(L)'
_entity_poly.pdbx_seq_one_letter_code
;SWEVGCGAPVPLVKCDENSPYRTITGDCNNRRSPALGAANRALARWLPAEYEDGLALPFGWTQRKTRNGFRVPLAREVSN
KIVGYLDEEGVLDQNRSLLFMQWGQIVDHDLDFAPETELGSNEHSKTQCEEYCIQGDNCFPIMFPKNDPKLKTQGKCMPF
SRAGFVCPTPPYQSLAREQINAVTSFLDASLVYGSEP(SEP)LASRLRNLSSPLGLMAVNQEAWDHGLAYLPFNNKKPSP
CEFINTTARVPCFLAGDARASEQILLATAHTLLLREHNRLARELKKLNPHWNGEKLYQEARKILGAFIQIITFRDYLPIV
LGSEMQKWIPPYQGYNNSVDPRISNVFTFAFRFGHMEVPSTVSRLDENYQPWGPEAELPLHTLFFNTWRIIKDGGIDPLV
RGLLAKKSKLMNQDKMVTSELRNKLFQPTHKIHGFDLAAINLQRCRDHGMPGYNSWRGFCGLSQPKTLKGLQTVLKNKIL
AKKLMDLYKTPDNIDIWIGGNAEPMVERGRVGPLLACLLGRQFQQIRDGDRFWWENPGVFTEKQRDSLQKVSFSRLICDN
THITKVPLHAFQANNYPHDFVDCSTVDKLDLSPWASREN
;
_entity_poly.pdbx_strand_id   A
#
loop_
_chem_comp.id
_chem_comp.type
_chem_comp.name
_chem_comp.formula
CA non-polymer 'CALCIUM ION' 'Ca 2'
HEM non-polymer 'PROTOPORPHYRIN IX CONTAINING FE' 'C34 H32 Fe N4 O4'
IOD non-polymer 'IODIDE ION' 'I -1'
NAG D-saccharide, beta linking 2-acetamido-2-deoxy-beta-D-glucopyranose 'C8 H15 N O6'
OSM non-polymer 1-(OXIDOSULFANYL)METHANAMINE 'C H5 N O S'
PEO non-polymer 'HYDROGEN PEROXIDE' 'H2 O2'
SCN non-polymer 'THIOCYANATE ION' 'C N S -1'
#
# COMPACT_ATOMS: atom_id res chain seq x y z
N SER A 1 -2.43 35.10 -9.57
CA SER A 1 -1.76 34.47 -8.38
C SER A 1 -2.24 33.02 -8.18
N TRP A 2 -3.53 32.76 -8.36
CA TRP A 2 -4.20 31.44 -8.13
C TRP A 2 -3.62 30.39 -9.10
N GLU A 3 -2.75 29.52 -8.57
CA GLU A 3 -1.86 28.62 -9.36
C GLU A 3 -2.61 27.37 -9.84
N VAL A 4 -3.94 27.43 -9.99
CA VAL A 4 -4.74 26.37 -10.65
C VAL A 4 -3.95 25.94 -11.88
N GLY A 5 -3.27 26.90 -12.52
CA GLY A 5 -2.26 26.75 -13.59
C GLY A 5 -1.52 25.42 -13.56
N CYS A 6 -0.36 25.36 -12.90
CA CYS A 6 0.74 24.41 -13.26
C CYS A 6 0.28 22.94 -13.18
N GLY A 7 0.78 22.12 -14.12
CA GLY A 7 0.55 20.67 -14.26
C GLY A 7 0.78 20.18 -15.69
N ALA A 8 1.99 20.43 -16.24
CA ALA A 8 2.32 20.29 -17.67
C ALA A 8 2.22 18.83 -18.12
N PRO A 9 2.90 17.87 -17.47
CA PRO A 9 2.78 16.47 -17.86
C PRO A 9 1.42 15.88 -17.46
N VAL A 10 0.33 16.22 -18.18
CA VAL A 10 -1.01 15.55 -18.06
C VAL A 10 -1.78 15.71 -19.38
N PRO A 11 -2.25 14.62 -20.02
CA PRO A 11 -3.10 14.73 -21.20
C PRO A 11 -4.52 15.03 -20.70
N LEU A 12 -4.88 16.31 -20.60
CA LEU A 12 -6.23 16.78 -20.22
C LEU A 12 -7.29 15.94 -20.96
N VAL A 13 -8.24 15.33 -20.25
CA VAL A 13 -9.25 14.37 -20.79
C VAL A 13 -10.64 15.03 -20.77
N LYS A 14 -11.39 14.94 -21.86
CA LYS A 14 -12.84 15.32 -21.91
C LYS A 14 -13.61 14.30 -21.08
N CYS A 15 -14.78 14.69 -20.56
CA CYS A 15 -15.63 13.82 -19.70
C CYS A 15 -16.97 13.55 -20.38
N ASP A 16 -17.41 12.29 -20.39
CA ASP A 16 -18.70 11.81 -20.94
C ASP A 16 -19.87 12.36 -20.09
N GLU A 17 -19.64 12.49 -18.77
CA GLU A 17 -20.48 13.28 -17.83
C GLU A 17 -21.72 12.50 -17.39
N ASN A 18 -22.24 11.59 -18.21
CA ASN A 18 -23.41 10.73 -17.85
C ASN A 18 -23.06 9.24 -18.02
N SER A 19 -21.76 8.89 -18.15
CA SER A 19 -21.25 7.49 -18.21
C SER A 19 -21.52 6.77 -16.89
N PRO A 20 -21.89 5.47 -16.92
CA PRO A 20 -22.14 4.71 -15.69
C PRO A 20 -20.88 4.10 -15.06
N TYR A 21 -19.69 4.35 -15.63
CA TYR A 21 -18.42 3.71 -15.22
C TYR A 21 -17.36 4.75 -14.90
N ARG A 22 -16.56 4.48 -13.86
CA ARG A 22 -15.32 5.24 -13.55
C ARG A 22 -14.43 5.20 -14.78
N THR A 23 -13.64 6.23 -15.01
CA THR A 23 -12.48 6.16 -15.93
C THR A 23 -11.40 5.29 -15.26
N ILE A 24 -10.42 4.84 -16.06
CA ILE A 24 -9.15 4.20 -15.59
C ILE A 24 -8.29 5.24 -14.85
N THR A 25 -8.19 6.47 -15.38
CA THR A 25 -7.32 7.54 -14.81
C THR A 25 -7.92 8.10 -13.52
N GLY A 26 -9.20 7.84 -13.24
CA GLY A 26 -9.95 8.48 -12.15
C GLY A 26 -10.40 9.89 -12.50
N ASP A 27 -10.10 10.35 -13.72
CA ASP A 27 -10.57 11.67 -14.24
C ASP A 27 -12.10 11.62 -14.30
N CYS A 28 -12.76 12.78 -14.17
CA CYS A 28 -14.21 12.96 -14.43
C CYS A 28 -15.06 12.46 -13.26
N ASN A 29 -14.44 12.08 -12.14
CA ASN A 29 -15.14 11.70 -10.90
C ASN A 29 -15.86 12.94 -10.36
N ASN A 30 -15.11 14.01 -10.12
CA ASN A 30 -15.65 15.34 -9.71
C ASN A 30 -15.96 16.08 -11.02
N ARG A 31 -17.14 16.69 -11.10
CA ARG A 31 -17.62 17.41 -12.31
C ARG A 31 -17.07 18.84 -12.34
N ARG A 32 -17.12 19.55 -11.21
CA ARG A 32 -16.70 20.98 -11.13
C ARG A 32 -15.18 21.07 -11.24
N SER A 33 -14.46 20.08 -10.71
CA SER A 33 -12.99 19.97 -10.82
C SER A 33 -12.60 18.55 -11.28
N PRO A 34 -12.68 18.25 -12.59
CA PRO A 34 -12.57 16.87 -13.07
C PRO A 34 -11.24 16.14 -12.86
N ALA A 35 -10.12 16.84 -12.65
CA ALA A 35 -8.78 16.24 -12.40
C ALA A 35 -8.69 15.66 -10.98
N LEU A 36 -9.56 16.09 -10.05
CA LEU A 36 -9.48 15.82 -8.58
C LEU A 36 -9.50 14.32 -8.30
N GLY A 37 -8.39 13.80 -7.76
CA GLY A 37 -8.27 12.38 -7.37
C GLY A 37 -7.88 11.53 -8.56
N ALA A 38 -7.35 12.14 -9.63
CA ALA A 38 -6.82 11.41 -10.81
C ALA A 38 -5.33 11.11 -10.60
N ALA A 39 -4.89 9.97 -11.11
CA ALA A 39 -3.48 9.53 -11.16
C ALA A 39 -2.63 10.60 -11.85
N ASN A 40 -1.31 10.56 -11.63
CA ASN A 40 -0.27 11.41 -12.30
C ASN A 40 -0.56 12.91 -12.11
N ARG A 41 -1.10 13.30 -10.96
CA ARG A 41 -1.15 14.68 -10.43
C ARG A 41 -0.49 14.72 -9.04
N ALA A 42 -0.23 15.92 -8.53
CA ALA A 42 0.43 16.18 -7.23
C ALA A 42 -0.36 15.50 -6.10
N LEU A 43 0.34 14.87 -5.16
CA LEU A 43 -0.26 14.54 -3.83
C LEU A 43 -0.77 15.84 -3.21
N ALA A 44 -1.94 15.81 -2.57
CA ALA A 44 -2.51 16.97 -1.85
C ALA A 44 -1.61 17.37 -0.67
N ARG A 45 -1.54 18.67 -0.36
CA ARG A 45 -0.81 19.25 0.79
C ARG A 45 -1.82 19.69 1.87
N TRP A 46 -2.02 18.89 2.93
CA TRP A 46 -2.85 19.29 4.11
C TRP A 46 -2.14 20.43 4.86
N LEU A 47 -0.82 20.42 4.83
CA LEU A 47 0.01 21.51 5.41
C LEU A 47 1.10 21.87 4.42
N PRO A 48 1.57 23.15 4.41
CA PRO A 48 2.70 23.55 3.58
C PRO A 48 3.93 22.64 3.70
N ALA A 49 4.55 22.29 2.57
CA ALA A 49 5.79 21.50 2.55
C ALA A 49 6.85 22.19 3.40
N GLU A 50 7.75 21.42 4.00
CA GLU A 50 8.90 21.98 4.76
C GLU A 50 10.19 21.46 4.15
N TYR A 51 10.99 22.36 3.63
CA TYR A 51 12.26 22.07 2.92
C TYR A 51 13.35 22.99 3.49
N GLU A 52 14.57 22.48 3.56
CA GLU A 52 15.80 23.27 3.85
C GLU A 52 15.67 24.70 3.32
N ASP A 53 15.39 24.84 2.04
CA ASP A 53 15.47 26.13 1.31
C ASP A 53 14.05 26.63 1.02
N GLY A 54 13.04 26.17 1.75
CA GLY A 54 11.63 26.57 1.52
C GLY A 54 11.07 26.02 0.20
N LEU A 55 11.89 25.42 -0.68
CA LEU A 55 11.49 25.14 -2.08
C LEU A 55 11.53 23.63 -2.38
N ALA A 56 12.67 22.97 -2.18
CA ALA A 56 12.88 21.60 -2.71
C ALA A 56 13.93 20.79 -1.94
N LEU A 57 14.91 21.40 -1.28
CA LEU A 57 16.00 20.61 -0.65
C LEU A 57 15.45 19.91 0.59
N PRO A 58 15.71 18.61 0.76
CA PRO A 58 15.22 17.88 1.92
C PRO A 58 16.03 18.36 3.11
N PHE A 59 15.45 18.43 4.31
CA PHE A 59 16.19 18.68 5.57
C PHE A 59 17.27 17.58 5.71
N GLY A 60 18.49 17.99 6.08
CA GLY A 60 19.64 17.08 6.19
C GLY A 60 20.51 17.09 4.95
N TRP A 61 20.03 17.68 3.85
CA TRP A 61 20.79 17.77 2.57
C TRP A 61 22.14 18.44 2.79
N THR A 62 22.11 19.63 3.41
CA THR A 62 23.26 20.50 3.77
C THR A 62 23.62 20.22 5.23
N GLN A 63 24.89 19.87 5.48
CA GLN A 63 25.38 19.27 6.74
C GLN A 63 25.92 20.41 7.62
N ARG A 64 25.02 21.30 8.06
CA ARG A 64 25.33 22.70 8.47
C ARG A 64 24.04 23.51 8.60
N LYS A 65 23.01 23.17 7.82
CA LYS A 65 21.67 23.79 7.93
C LYS A 65 20.84 23.03 8.95
N THR A 66 20.75 23.59 10.14
CA THR A 66 19.93 23.07 11.26
C THR A 66 18.44 23.15 10.89
N ARG A 67 17.62 22.35 11.58
CA ARG A 67 16.15 22.46 11.66
C ARG A 67 15.78 22.90 13.08
N ASN A 68 15.22 24.09 13.24
CA ASN A 68 14.95 24.73 14.55
C ASN A 68 16.21 24.71 15.44
N GLY A 69 17.39 24.93 14.85
CA GLY A 69 18.65 25.12 15.58
C GLY A 69 19.37 23.81 15.89
N PHE A 70 18.93 22.68 15.34
CA PHE A 70 19.52 21.34 15.59
C PHE A 70 19.75 20.61 14.27
N ARG A 71 20.86 19.87 14.18
CA ARG A 71 21.11 18.88 13.07
C ARG A 71 20.05 17.79 13.15
N VAL A 72 19.59 17.34 11.99
CA VAL A 72 18.67 16.16 11.88
C VAL A 72 19.53 14.92 11.94
N PRO A 73 19.11 13.85 12.68
CA PRO A 73 19.90 12.63 12.78
C PRO A 73 19.88 11.86 11.44
N LEU A 74 20.97 11.17 11.11
CA LEU A 74 20.99 10.18 9.98
C LEU A 74 19.83 9.19 10.17
N ALA A 75 19.11 8.94 9.09
CA ALA A 75 17.97 8.01 9.02
C ALA A 75 18.38 6.60 9.50
N ARG A 76 19.61 6.18 9.24
CA ARG A 76 20.05 4.77 9.48
C ARG A 76 20.41 4.65 10.96
N GLU A 77 20.87 5.74 11.56
CA GLU A 77 21.12 5.80 13.02
C GLU A 77 19.79 5.72 13.74
N VAL A 78 18.78 6.47 13.31
CA VAL A 78 17.43 6.42 13.94
C VAL A 78 16.97 4.97 13.87
N SER A 79 17.02 4.38 12.66
CA SER A 79 16.67 2.96 12.38
C SER A 79 17.31 2.04 13.43
N ASN A 80 18.65 2.10 13.57
CA ASN A 80 19.47 1.16 14.39
C ASN A 80 19.19 1.36 15.89
N LYS A 81 19.13 2.60 16.37
CA LYS A 81 19.01 2.91 17.82
C LYS A 81 17.55 2.78 18.29
N ILE A 82 16.57 2.72 17.39
CA ILE A 82 15.14 2.79 17.79
C ILE A 82 14.34 1.68 17.12
N VAL A 83 14.45 1.56 15.80
CA VAL A 83 13.47 0.74 15.04
C VAL A 83 13.87 -0.73 15.15
N GLY A 84 15.14 -1.03 15.32
CA GLY A 84 15.67 -2.40 15.25
C GLY A 84 15.54 -3.19 16.54
N TYR A 85 15.47 -4.51 16.42
CA TYR A 85 15.39 -5.49 17.54
C TYR A 85 15.88 -6.87 17.05
N LEU A 86 16.36 -7.71 17.97
CA LEU A 86 16.92 -9.05 17.67
C LEU A 86 15.88 -10.16 17.83
N ASP A 87 15.04 -10.07 18.86
CA ASP A 87 14.31 -11.25 19.37
C ASP A 87 12.88 -11.27 18.81
N GLU A 88 12.60 -12.20 17.90
CA GLU A 88 11.28 -12.37 17.26
C GLU A 88 10.34 -13.17 18.18
N GLU A 89 10.79 -13.60 19.35
CA GLU A 89 9.91 -14.23 20.37
C GLU A 89 9.00 -13.12 20.92
N GLY A 90 7.71 -13.42 21.10
CA GLY A 90 6.72 -12.54 21.77
C GLY A 90 6.23 -11.37 20.90
N VAL A 91 6.46 -11.40 19.58
CA VAL A 91 6.35 -10.20 18.70
C VAL A 91 5.01 -10.22 17.95
N LEU A 92 4.30 -11.36 18.00
CA LEU A 92 3.11 -11.65 17.16
C LEU A 92 1.85 -11.11 17.82
N ASP A 93 0.87 -10.80 16.98
CA ASP A 93 -0.40 -10.12 17.31
C ASP A 93 -1.42 -11.23 17.57
N GLN A 94 -1.77 -11.43 18.83
CA GLN A 94 -2.66 -12.53 19.28
C GLN A 94 -4.07 -12.36 18.71
N ASN A 95 -4.43 -11.17 18.18
CA ASN A 95 -5.80 -11.02 17.65
C ASN A 95 -5.80 -10.28 16.30
N ARG A 96 -4.81 -10.58 15.44
CA ARG A 96 -4.84 -10.19 14.00
C ARG A 96 -4.20 -11.28 13.14
N SER A 97 -4.93 -11.82 12.17
CA SER A 97 -4.41 -12.73 11.11
C SER A 97 -3.34 -11.98 10.30
N LEU A 98 -2.54 -12.72 9.52
CA LEU A 98 -1.47 -12.16 8.66
C LEU A 98 -2.14 -11.45 7.49
N LEU A 99 -3.41 -11.80 7.25
CA LEU A 99 -4.25 -11.14 6.25
C LEU A 99 -4.51 -9.67 6.63
N PHE A 100 -4.41 -9.30 7.91
CA PHE A 100 -4.63 -7.92 8.37
C PHE A 100 -3.50 -7.05 7.80
N MET A 101 -2.27 -7.50 7.99
CA MET A 101 -1.08 -6.85 7.37
C MET A 101 -1.32 -6.80 5.85
N GLN A 102 -1.74 -7.91 5.24
CA GLN A 102 -1.70 -8.01 3.77
C GLN A 102 -2.73 -7.07 3.15
N TRP A 103 -3.91 -6.98 3.75
CA TRP A 103 -5.01 -6.14 3.23
C TRP A 103 -4.52 -4.68 3.23
N GLY A 104 -3.87 -4.29 4.32
CA GLY A 104 -3.27 -2.97 4.43
C GLY A 104 -2.42 -2.61 3.22
N GLN A 105 -1.53 -3.52 2.79
CA GLN A 105 -0.60 -3.25 1.66
C GLN A 105 -1.42 -3.06 0.37
N ILE A 106 -2.48 -3.86 0.24
CA ILE A 106 -3.40 -3.88 -0.94
C ILE A 106 -4.04 -2.51 -1.03
N VAL A 107 -4.69 -2.07 0.05
CA VAL A 107 -5.43 -0.78 0.05
C VAL A 107 -4.43 0.36 -0.18
N ASP A 108 -3.28 0.30 0.47
CA ASP A 108 -2.20 1.30 0.26
C ASP A 108 -1.90 1.39 -1.24
N HIS A 109 -1.80 0.25 -1.94
CA HIS A 109 -1.36 0.18 -3.35
C HIS A 109 -2.51 0.66 -4.23
N ASP A 110 -3.76 0.43 -3.83
CA ASP A 110 -4.93 1.01 -4.53
C ASP A 110 -4.82 2.54 -4.51
N LEU A 111 -4.31 3.15 -3.43
CA LEU A 111 -4.57 4.59 -3.14
C LEU A 111 -3.40 5.46 -3.59
N ASP A 112 -2.15 5.00 -3.46
CA ASP A 112 -1.00 5.91 -3.64
C ASP A 112 0.26 5.17 -4.08
N PHE A 113 1.10 5.92 -4.81
CA PHE A 113 2.42 5.51 -5.33
C PHE A 113 3.14 6.74 -5.87
N ALA A 114 4.22 7.12 -5.18
CA ALA A 114 5.11 8.23 -5.57
C ALA A 114 6.43 7.62 -6.02
N PRO A 115 6.54 7.23 -7.31
CA PRO A 115 7.73 6.57 -7.85
C PRO A 115 8.96 7.50 -7.92
N GLU A 116 10.15 6.90 -7.78
CA GLU A 116 11.46 7.54 -8.07
C GLU A 116 11.41 8.27 -9.42
N THR A 117 12.05 9.44 -9.52
CA THR A 117 12.32 10.15 -10.81
C THR A 117 12.93 9.16 -11.81
N GLU A 118 12.54 9.22 -13.09
CA GLU A 118 13.07 8.29 -14.14
C GLU A 118 14.27 8.93 -14.85
N LEU A 119 14.82 10.04 -14.30
CA LEU A 119 16.05 10.72 -14.81
C LEU A 119 17.28 9.94 -14.34
N GLY A 120 17.96 9.24 -15.26
CA GLY A 120 19.06 8.30 -14.96
C GLY A 120 19.11 7.13 -15.93
N SER A 121 18.03 6.88 -16.70
CA SER A 121 17.95 5.83 -17.75
C SER A 121 18.94 6.12 -18.88
N ASN A 122 19.82 5.15 -19.19
CA ASN A 122 20.92 5.27 -20.19
C ASN A 122 22.06 6.12 -19.59
N GLU A 123 22.04 6.30 -18.26
CA GLU A 123 23.03 7.10 -17.47
C GLU A 123 23.72 6.15 -16.47
N HIS A 124 24.84 6.61 -15.89
CA HIS A 124 25.61 5.92 -14.82
C HIS A 124 25.29 6.61 -13.49
N SER A 125 24.29 7.50 -13.48
CA SER A 125 23.89 8.36 -12.34
C SER A 125 23.40 7.49 -11.19
N LYS A 126 22.65 6.43 -11.50
CA LYS A 126 22.15 5.42 -10.53
C LYS A 126 23.34 4.65 -9.98
N THR A 127 24.26 4.26 -10.86
CA THR A 127 25.57 3.62 -10.53
C THR A 127 26.39 4.60 -9.68
N GLN A 128 26.72 5.78 -10.24
CA GLN A 128 27.48 6.89 -9.57
C GLN A 128 26.86 7.25 -8.21
N CYS A 129 25.55 7.06 -8.02
CA CYS A 129 24.87 7.24 -6.71
C CYS A 129 25.24 6.06 -5.79
N GLU A 130 24.93 4.85 -6.24
CA GLU A 130 25.12 3.56 -5.50
C GLU A 130 26.62 3.28 -5.39
N GLU A 131 27.32 3.32 -6.52
CA GLU A 131 28.76 2.97 -6.63
C GLU A 131 29.61 3.92 -5.77
N TYR A 132 29.37 5.23 -5.81
CA TYR A 132 30.29 6.25 -5.21
C TYR A 132 29.65 7.02 -4.05
N CYS A 133 28.35 6.86 -3.78
CA CYS A 133 27.65 7.44 -2.60
C CYS A 133 27.76 8.97 -2.65
N ILE A 134 27.56 9.56 -3.84
CA ILE A 134 27.78 11.01 -4.11
C ILE A 134 26.43 11.75 -4.14
N GLN A 135 26.08 12.46 -3.07
CA GLN A 135 24.83 13.26 -2.99
C GLN A 135 24.82 14.29 -4.12
N GLY A 136 23.75 14.34 -4.91
CA GLY A 136 23.62 15.32 -6.01
C GLY A 136 22.34 15.12 -6.80
N ASP A 137 21.58 16.20 -6.98
CA ASP A 137 20.32 16.23 -7.78
C ASP A 137 19.35 15.24 -7.13
N ASN A 138 19.01 14.17 -7.84
CA ASN A 138 17.99 13.20 -7.40
C ASN A 138 18.69 12.03 -6.67
N CYS A 139 20.03 12.04 -6.54
CA CYS A 139 20.79 11.09 -5.69
C CYS A 139 20.93 11.68 -4.28
N PHE A 140 20.25 11.05 -3.30
CA PHE A 140 20.20 11.49 -1.89
C PHE A 140 20.47 10.25 -1.04
N PRO A 141 21.72 9.75 -1.05
CA PRO A 141 22.00 8.43 -0.51
C PRO A 141 21.91 8.37 1.02
N ILE A 142 21.55 7.20 1.55
CA ILE A 142 21.46 6.97 3.02
C ILE A 142 22.86 6.59 3.47
N MET A 143 23.50 7.49 4.22
CA MET A 143 24.91 7.35 4.69
C MET A 143 24.87 6.55 5.99
N PHE A 144 25.85 5.68 6.21
CA PHE A 144 25.94 4.87 7.46
C PHE A 144 26.51 5.74 8.57
N PRO A 145 25.99 5.63 9.81
CA PRO A 145 26.67 6.20 10.97
C PRO A 145 27.92 5.35 11.27
N LYS A 146 28.88 5.92 11.98
CA LYS A 146 30.01 5.13 12.52
C LYS A 146 29.42 4.07 13.44
N ASN A 147 30.05 2.89 13.51
CA ASN A 147 29.66 1.76 14.40
C ASN A 147 28.58 0.91 13.72
N ASP A 148 28.18 1.28 12.50
CA ASP A 148 27.14 0.54 11.76
C ASP A 148 27.80 -0.70 11.17
N PRO A 149 27.34 -1.92 11.52
CA PRO A 149 27.90 -3.15 10.95
C PRO A 149 27.90 -3.22 9.41
N LYS A 150 26.99 -2.51 8.75
CA LYS A 150 26.89 -2.47 7.27
C LYS A 150 28.07 -1.71 6.65
N LEU A 151 28.72 -0.82 7.40
CA LEU A 151 29.96 -0.13 6.95
C LEU A 151 30.98 -1.19 6.52
N LYS A 152 31.18 -2.19 7.39
CA LYS A 152 32.21 -3.26 7.23
C LYS A 152 31.90 -4.16 6.03
N THR A 153 30.67 -4.18 5.54
CA THR A 153 30.18 -5.28 4.68
C THR A 153 29.64 -4.81 3.31
N GLN A 154 29.11 -3.58 3.19
CA GLN A 154 28.36 -3.11 1.99
C GLN A 154 29.01 -1.89 1.34
N GLY A 155 29.46 -0.91 2.12
CA GLY A 155 30.05 0.35 1.60
C GLY A 155 29.84 1.47 2.58
N LYS A 156 29.83 2.72 2.12
CA LYS A 156 29.69 3.91 3.00
C LYS A 156 28.22 4.33 3.09
N CYS A 157 27.36 3.85 2.18
CA CYS A 157 25.97 4.34 2.02
C CYS A 157 25.07 3.23 1.49
N MET A 158 23.75 3.41 1.65
CA MET A 158 22.70 2.74 0.84
C MET A 158 22.17 3.74 -0.16
N PRO A 159 21.92 3.33 -1.41
CA PRO A 159 21.47 4.26 -2.45
C PRO A 159 19.99 4.66 -2.28
N PHE A 160 19.63 5.84 -2.77
CA PHE A 160 18.31 6.48 -2.59
C PHE A 160 18.16 7.61 -3.62
N SER A 161 17.07 7.57 -4.38
CA SER A 161 16.73 8.54 -5.45
C SER A 161 15.43 9.24 -5.06
N ARG A 162 15.42 10.57 -5.16
CA ARG A 162 14.28 11.43 -4.74
C ARG A 162 13.08 11.09 -5.60
N ALA A 163 11.87 11.22 -5.04
CA ALA A 163 10.60 10.92 -5.73
C ALA A 163 10.34 11.93 -6.85
N GLY A 164 9.66 11.52 -7.92
CA GLY A 164 9.20 12.41 -9.01
C GLY A 164 8.40 13.61 -8.49
N PHE A 165 8.44 14.73 -9.21
CA PHE A 165 7.70 15.98 -8.90
C PHE A 165 7.07 16.54 -10.19
N VAL A 166 5.93 17.22 -10.05
CA VAL A 166 5.02 17.71 -11.14
C VAL A 166 5.64 18.91 -11.88
N CYS A 167 4.98 19.32 -12.97
CA CYS A 167 5.39 20.39 -13.93
C CYS A 167 6.68 19.95 -14.61
N PRO A 168 7.82 20.65 -14.45
CA PRO A 168 9.10 20.03 -14.74
C PRO A 168 9.35 18.82 -13.86
N THR A 169 9.94 17.78 -14.44
CA THR A 169 10.59 16.67 -13.70
C THR A 169 12.11 16.85 -13.74
N PRO A 170 12.69 17.82 -14.50
CA PRO A 170 14.02 18.38 -14.19
C PRO A 170 14.15 19.75 -13.52
N PRO A 171 13.85 20.90 -14.18
CA PRO A 171 14.38 22.19 -13.76
C PRO A 171 13.88 22.83 -12.44
N TYR A 172 14.31 24.07 -12.24
CA TYR A 172 14.54 24.77 -10.94
C TYR A 172 13.29 25.57 -10.54
N GLN A 173 13.12 25.78 -9.23
CA GLN A 173 12.23 26.77 -8.57
C GLN A 173 10.74 26.51 -8.93
N SER A 174 9.96 26.07 -7.94
CA SER A 174 8.48 25.92 -7.95
C SER A 174 7.93 26.25 -6.55
N LEU A 175 6.69 26.78 -6.44
CA LEU A 175 6.10 27.24 -5.15
C LEU A 175 6.73 26.42 -4.02
N ALA A 176 6.63 25.11 -4.16
CA ALA A 176 7.37 24.09 -3.37
C ALA A 176 7.37 22.82 -4.21
N ARG A 177 8.36 21.95 -4.03
CA ARG A 177 8.39 20.66 -4.76
C ARG A 177 7.17 19.84 -4.34
N GLU A 178 6.38 19.38 -5.31
CA GLU A 178 5.18 18.53 -5.06
C GLU A 178 5.40 17.18 -5.75
N GLN A 179 5.42 16.10 -4.97
CA GLN A 179 5.59 14.69 -5.43
C GLN A 179 4.26 14.20 -6.03
N ILE A 180 4.35 13.30 -7.01
CA ILE A 180 3.22 12.78 -7.82
C ILE A 180 2.58 11.59 -7.10
N ASN A 181 1.24 11.47 -7.15
CA ASN A 181 0.50 10.21 -6.99
C ASN A 181 0.19 9.62 -8.38
N ALA A 182 0.80 8.47 -8.69
CA ALA A 182 0.79 7.76 -10.00
C ALA A 182 -0.37 6.75 -10.08
N VAL A 183 -1.16 6.58 -9.00
CA VAL A 183 -2.43 5.78 -9.05
C VAL A 183 -3.60 6.69 -8.69
N THR A 184 -4.81 6.17 -8.81
CA THR A 184 -6.05 6.96 -8.56
C THR A 184 -6.31 7.01 -7.04
N SER A 185 -6.72 8.16 -6.52
CA SER A 185 -7.00 8.41 -5.08
C SER A 185 -8.21 7.60 -4.60
N PHE A 186 -9.10 7.19 -5.52
CA PHE A 186 -10.37 6.50 -5.21
C PHE A 186 -10.10 5.03 -4.96
N LEU A 187 -10.92 4.41 -4.11
CA LEU A 187 -10.82 2.97 -3.78
C LEU A 187 -11.60 2.22 -4.86
N ASP A 188 -10.92 1.94 -5.98
CA ASP A 188 -11.54 1.68 -7.29
C ASP A 188 -10.91 0.45 -7.96
N ALA A 189 -10.09 -0.30 -7.23
CA ALA A 189 -9.36 -1.51 -7.71
C ALA A 189 -8.37 -1.16 -8.84
N SER A 190 -7.79 0.04 -8.81
CA SER A 190 -6.80 0.48 -9.82
C SER A 190 -5.61 -0.48 -9.82
N LEU A 191 -5.35 -1.12 -8.69
CA LEU A 191 -4.21 -2.07 -8.53
C LEU A 191 -4.50 -3.36 -9.34
N VAL A 192 -5.76 -3.65 -9.64
CA VAL A 192 -6.13 -4.81 -10.51
C VAL A 192 -6.14 -4.40 -11.98
N TYR A 193 -6.72 -3.25 -12.30
CA TYR A 193 -7.08 -2.85 -13.70
C TYR A 193 -6.10 -1.82 -14.27
N GLY A 194 -5.27 -1.19 -13.44
CA GLY A 194 -4.31 -0.15 -13.87
C GLY A 194 -4.88 1.22 -13.62
N SER A 195 -4.04 2.25 -13.66
CA SER A 195 -4.41 3.69 -13.53
C SER A 195 -4.12 4.45 -14.83
N GLU A 196 -3.66 3.75 -15.87
CA GLU A 196 -3.44 4.30 -17.23
C GLU A 196 -4.09 3.42 -18.29
N PRO A 197 -4.63 4.03 -19.38
CA PRO A 197 -5.14 3.27 -20.52
C PRO A 197 -4.14 2.28 -21.12
N SEP A 198 -2.93 2.80 -21.29
CA SEP A 198 -1.79 2.10 -21.85
CB SEP A 198 -0.62 3.06 -21.65
OG SEP A 198 -1.12 4.43 -21.99
C SEP A 198 -1.64 0.71 -21.22
O SEP A 198 -1.64 -0.30 -21.93
P SEP A 198 -0.84 5.77 -21.10
O1P SEP A 198 -2.02 6.61 -21.23
O2P SEP A 198 -0.65 5.30 -19.69
O3P SEP A 198 0.39 6.49 -21.55
N LEU A 199 -1.59 0.67 -19.89
CA LEU A 199 -1.46 -0.59 -19.16
C LEU A 199 -2.83 -1.27 -19.04
N ALA A 200 -3.92 -0.52 -18.88
CA ALA A 200 -5.26 -1.10 -18.63
C ALA A 200 -5.65 -2.05 -19.78
N SER A 201 -5.34 -1.68 -21.03
CA SER A 201 -5.69 -2.49 -22.23
C SER A 201 -4.82 -3.74 -22.31
N ARG A 202 -3.51 -3.61 -22.09
CA ARG A 202 -2.53 -4.71 -22.07
C ARG A 202 -2.96 -5.77 -21.05
N LEU A 203 -3.56 -5.33 -19.95
CA LEU A 203 -4.05 -6.20 -18.85
C LEU A 203 -5.21 -7.05 -19.35
N ARG A 204 -5.96 -6.55 -20.34
CA ARG A 204 -7.28 -7.14 -20.73
C ARG A 204 -7.09 -8.23 -21.79
N ASN A 205 -8.04 -9.18 -21.86
CA ASN A 205 -8.15 -10.22 -22.91
C ASN A 205 -8.98 -9.64 -24.06
N LEU A 206 -8.30 -9.19 -25.11
CA LEU A 206 -8.95 -8.59 -26.31
C LEU A 206 -8.82 -9.55 -27.50
N SER A 207 -8.74 -10.85 -27.23
CA SER A 207 -8.82 -11.95 -28.22
C SER A 207 -10.28 -12.43 -28.27
N SER A 208 -11.01 -12.34 -27.15
CA SER A 208 -12.40 -12.83 -27.00
C SER A 208 -13.27 -11.72 -26.43
N PRO A 209 -14.62 -11.87 -26.45
CA PRO A 209 -15.54 -10.82 -26.04
C PRO A 209 -16.27 -11.12 -24.72
N LEU A 210 -15.62 -11.87 -23.83
CA LEU A 210 -16.27 -12.35 -22.57
C LEU A 210 -15.96 -11.36 -21.43
N GLY A 211 -15.24 -10.27 -21.74
CA GLY A 211 -14.89 -9.18 -20.81
C GLY A 211 -13.88 -9.65 -19.78
N LEU A 212 -13.04 -10.63 -20.15
CA LEU A 212 -12.07 -11.28 -19.24
C LEU A 212 -10.79 -10.44 -19.18
N MET A 213 -10.06 -10.60 -18.08
CA MET A 213 -8.68 -10.11 -17.88
C MET A 213 -7.73 -11.18 -18.41
N ALA A 214 -6.66 -10.78 -19.11
CA ALA A 214 -5.57 -11.69 -19.57
C ALA A 214 -5.20 -12.63 -18.43
N VAL A 215 -4.75 -13.85 -18.73
CA VAL A 215 -4.17 -14.78 -17.72
C VAL A 215 -2.88 -15.38 -18.26
N ASN A 216 -2.12 -16.03 -17.39
CA ASN A 216 -0.86 -16.72 -17.73
C ASN A 216 -1.18 -17.85 -18.73
N GLN A 217 -0.34 -18.04 -19.75
CA GLN A 217 -0.51 -19.14 -20.74
C GLN A 217 0.61 -20.16 -20.52
N GLU A 218 1.57 -19.83 -19.66
CA GLU A 218 2.76 -20.68 -19.37
C GLU A 218 2.44 -21.63 -18.22
N ALA A 219 1.49 -21.30 -17.34
CA ALA A 219 1.33 -21.98 -16.03
C ALA A 219 -0.06 -21.76 -15.43
N TRP A 220 -0.56 -22.78 -14.71
CA TRP A 220 -1.93 -22.86 -14.15
C TRP A 220 -1.90 -23.39 -12.72
N ASP A 221 -2.81 -22.92 -11.86
CA ASP A 221 -2.92 -23.33 -10.44
C ASP A 221 -4.04 -24.36 -10.33
N HIS A 222 -3.74 -25.63 -10.61
CA HIS A 222 -4.73 -26.74 -10.55
C HIS A 222 -5.95 -26.32 -11.39
N GLY A 223 -5.73 -25.90 -12.64
CA GLY A 223 -6.75 -25.32 -13.52
C GLY A 223 -7.08 -23.87 -13.20
N LEU A 224 -6.72 -23.35 -12.02
CA LEU A 224 -7.07 -21.96 -11.63
C LEU A 224 -6.01 -20.98 -12.18
N ALA A 225 -6.48 -19.81 -12.60
CA ALA A 225 -5.73 -18.78 -13.35
C ALA A 225 -4.60 -18.19 -12.50
N TYR A 226 -3.46 -17.91 -13.13
CA TYR A 226 -2.38 -17.05 -12.59
C TYR A 226 -2.40 -15.71 -13.34
N LEU A 227 -1.81 -14.67 -12.74
CA LEU A 227 -1.54 -13.37 -13.43
C LEU A 227 -0.57 -13.62 -14.59
N PRO A 228 -0.73 -12.91 -15.73
CA PRO A 228 0.24 -13.01 -16.82
C PRO A 228 1.61 -12.56 -16.28
N PHE A 229 2.68 -13.14 -16.82
CA PHE A 229 4.07 -12.69 -16.54
C PHE A 229 4.25 -11.31 -17.14
N ASN A 230 5.29 -10.63 -16.67
CA ASN A 230 5.74 -9.32 -17.21
C ASN A 230 7.02 -9.58 -17.99
N ASN A 231 6.93 -9.61 -19.31
CA ASN A 231 8.07 -9.95 -20.20
C ASN A 231 8.81 -8.63 -20.50
N LYS A 232 9.39 -8.03 -19.44
CA LYS A 232 10.34 -6.88 -19.49
C LYS A 232 11.60 -7.25 -18.69
N LYS A 233 12.77 -6.70 -19.07
CA LYS A 233 14.10 -7.06 -18.53
C LYS A 233 14.87 -5.80 -18.14
N PRO A 234 15.61 -5.78 -17.00
CA PRO A 234 15.81 -6.94 -16.14
C PRO A 234 14.60 -7.16 -15.23
N SER A 235 14.26 -8.45 -15.00
CA SER A 235 13.19 -8.90 -14.08
C SER A 235 13.83 -9.22 -12.74
N PRO A 236 13.41 -8.55 -11.65
CA PRO A 236 14.02 -8.81 -10.35
C PRO A 236 13.57 -10.18 -9.84
N CYS A 237 12.44 -10.69 -10.32
CA CYS A 237 11.94 -12.02 -9.89
C CYS A 237 12.77 -13.12 -10.55
N GLU A 238 13.36 -12.81 -11.71
CA GLU A 238 14.39 -13.63 -12.39
C GLU A 238 15.72 -13.51 -11.65
N PHE A 239 16.10 -12.29 -11.29
CA PHE A 239 17.40 -11.98 -10.65
C PHE A 239 17.55 -12.79 -9.35
N ILE A 240 16.50 -12.89 -8.54
CA ILE A 240 16.58 -13.53 -7.19
C ILE A 240 16.75 -15.04 -7.34
N ASN A 241 16.40 -15.62 -8.50
CA ASN A 241 16.72 -17.02 -8.86
C ASN A 241 16.85 -17.18 -10.39
N THR A 242 18.08 -17.10 -10.92
CA THR A 242 18.40 -17.15 -12.36
C THR A 242 18.30 -18.58 -12.91
N THR A 243 18.12 -19.59 -12.06
CA THR A 243 17.98 -21.02 -12.48
C THR A 243 16.52 -21.33 -12.73
N ALA A 244 15.62 -20.81 -11.89
CA ALA A 244 14.15 -20.96 -12.02
C ALA A 244 13.63 -20.09 -13.17
N ARG A 245 14.20 -18.90 -13.37
CA ARG A 245 13.87 -17.91 -14.45
C ARG A 245 12.35 -17.75 -14.56
N VAL A 246 11.67 -17.52 -13.44
CA VAL A 246 10.21 -17.21 -13.39
C VAL A 246 10.06 -15.71 -13.19
N PRO A 247 9.56 -14.96 -14.21
CA PRO A 247 9.52 -13.49 -14.14
C PRO A 247 8.51 -12.99 -13.09
N CYS A 248 8.62 -11.71 -12.75
CA CYS A 248 7.60 -10.98 -11.98
C CYS A 248 6.26 -11.05 -12.71
N PHE A 249 5.18 -10.89 -11.96
CA PHE A 249 3.79 -10.83 -12.49
C PHE A 249 3.47 -9.42 -12.99
N LEU A 250 2.49 -9.34 -13.88
CA LEU A 250 1.96 -8.11 -14.52
C LEU A 250 0.57 -7.85 -13.95
N ALA A 251 0.38 -6.71 -13.27
CA ALA A 251 -0.93 -6.29 -12.71
C ALA A 251 -1.13 -4.78 -12.91
N GLY A 252 -2.31 -4.31 -12.49
CA GLY A 252 -2.71 -2.88 -12.57
C GLY A 252 -1.76 -1.97 -11.81
N ASP A 253 -0.99 -2.54 -10.89
CA ASP A 253 0.03 -1.84 -10.06
C ASP A 253 1.38 -2.49 -10.29
N ALA A 254 2.43 -1.69 -10.49
CA ALA A 254 3.81 -2.16 -10.80
C ALA A 254 4.42 -2.97 -9.65
N ARG A 255 3.88 -2.89 -8.43
CA ARG A 255 4.54 -3.36 -7.18
C ARG A 255 4.07 -4.78 -6.82
N ALA A 256 3.24 -5.40 -7.66
CA ALA A 256 2.43 -6.59 -7.31
C ALA A 256 3.30 -7.77 -6.84
N SER A 257 4.60 -7.81 -7.18
CA SER A 257 5.48 -8.97 -6.88
C SER A 257 6.52 -8.64 -5.81
N GLU A 258 6.43 -7.48 -5.15
CA GLU A 258 7.40 -7.07 -4.11
C GLU A 258 7.56 -8.18 -3.06
N GLN A 259 6.47 -8.86 -2.67
CA GLN A 259 6.59 -10.08 -1.84
C GLN A 259 5.43 -11.02 -2.18
N ILE A 260 5.65 -12.33 -1.98
CA ILE A 260 4.84 -13.47 -2.51
C ILE A 260 3.38 -13.41 -2.03
N LEU A 261 3.11 -12.82 -0.87
CA LEU A 261 1.74 -12.76 -0.28
C LEU A 261 0.98 -11.59 -0.92
N LEU A 262 1.67 -10.56 -1.41
CA LEU A 262 1.00 -9.47 -2.14
C LEU A 262 0.69 -10.03 -3.53
N ALA A 263 1.64 -10.72 -4.15
CA ALA A 263 1.42 -11.40 -5.45
C ALA A 263 0.22 -12.34 -5.30
N THR A 264 0.14 -13.06 -4.19
CA THR A 264 -0.98 -13.99 -3.88
C THR A 264 -2.32 -13.24 -3.88
N ALA A 265 -2.40 -12.17 -3.10
CA ALA A 265 -3.63 -11.35 -2.93
C ALA A 265 -4.08 -10.83 -4.30
N HIS A 266 -3.12 -10.34 -5.12
CA HIS A 266 -3.34 -9.90 -6.52
C HIS A 266 -3.96 -11.05 -7.31
N THR A 267 -3.57 -12.30 -7.03
CA THR A 267 -4.05 -13.50 -7.77
C THR A 267 -5.51 -13.75 -7.38
N LEU A 268 -5.88 -13.65 -6.11
CA LEU A 268 -7.31 -13.77 -5.67
C LEU A 268 -8.18 -12.75 -6.41
N LEU A 269 -7.69 -11.51 -6.57
CA LEU A 269 -8.51 -10.40 -7.07
C LEU A 269 -8.76 -10.58 -8.58
N LEU A 270 -7.76 -10.98 -9.34
CA LEU A 270 -7.90 -11.26 -10.80
C LEU A 270 -8.97 -12.35 -11.02
N ARG A 271 -8.88 -13.49 -10.34
CA ARG A 271 -9.81 -14.64 -10.53
C ARG A 271 -11.24 -14.14 -10.34
N GLU A 272 -11.44 -13.35 -9.30
CA GLU A 272 -12.76 -12.83 -8.89
C GLU A 272 -13.37 -12.04 -10.05
N HIS A 273 -12.55 -11.32 -10.81
CA HIS A 273 -13.01 -10.57 -12.01
C HIS A 273 -13.46 -11.58 -13.07
N ASN A 274 -12.57 -12.49 -13.44
CA ASN A 274 -12.83 -13.55 -14.44
C ASN A 274 -14.12 -14.28 -14.02
N ARG A 275 -14.20 -14.73 -12.76
CA ARG A 275 -15.36 -15.50 -12.21
C ARG A 275 -16.64 -14.68 -12.38
N LEU A 276 -16.57 -13.37 -12.14
CA LEU A 276 -17.71 -12.42 -12.29
C LEU A 276 -18.08 -12.28 -13.77
N ALA A 277 -17.09 -12.05 -14.63
CA ALA A 277 -17.27 -11.76 -16.08
C ALA A 277 -17.99 -12.92 -16.78
N ARG A 278 -17.68 -14.16 -16.38
CA ARG A 278 -18.30 -15.39 -16.97
C ARG A 278 -19.71 -15.61 -16.39
N GLU A 279 -19.96 -15.20 -15.15
CA GLU A 279 -21.30 -15.28 -14.50
C GLU A 279 -22.25 -14.24 -15.13
N LEU A 280 -21.79 -13.00 -15.30
CA LEU A 280 -22.58 -11.93 -15.95
C LEU A 280 -23.01 -12.39 -17.35
N LYS A 281 -22.08 -12.97 -18.13
CA LYS A 281 -22.39 -13.54 -19.48
C LYS A 281 -23.52 -14.56 -19.34
N LYS A 282 -23.36 -15.56 -18.46
CA LYS A 282 -24.35 -16.62 -18.17
C LYS A 282 -25.75 -16.00 -18.12
N LEU A 283 -25.96 -15.06 -17.18
CA LEU A 283 -27.27 -14.35 -16.97
C LEU A 283 -27.59 -13.46 -18.18
N ASN A 284 -26.59 -12.79 -18.74
CA ASN A 284 -26.79 -11.74 -19.79
C ASN A 284 -25.94 -12.10 -20.99
N PRO A 285 -26.27 -13.18 -21.73
CA PRO A 285 -25.43 -13.65 -22.84
C PRO A 285 -25.37 -12.64 -23.98
N HIS A 286 -26.24 -11.64 -23.93
CA HIS A 286 -26.45 -10.56 -24.93
C HIS A 286 -25.40 -9.46 -24.76
N TRP A 287 -24.78 -9.38 -23.57
CA TRP A 287 -23.75 -8.37 -23.23
C TRP A 287 -22.46 -8.59 -24.01
N ASN A 288 -21.79 -7.50 -24.41
CA ASN A 288 -20.46 -7.50 -25.11
C ASN A 288 -19.33 -7.49 -24.07
N GLY A 289 -18.08 -7.62 -24.54
CA GLY A 289 -16.86 -7.70 -23.70
C GLY A 289 -16.73 -6.50 -22.77
N GLU A 290 -16.77 -5.30 -23.35
CA GLU A 290 -16.67 -3.99 -22.66
C GLU A 290 -17.61 -3.97 -21.47
N LYS A 291 -18.88 -4.26 -21.72
CA LYS A 291 -19.98 -4.24 -20.72
C LYS A 291 -19.64 -5.23 -19.61
N LEU A 292 -19.16 -6.42 -19.98
CA LEU A 292 -18.75 -7.52 -19.04
C LEU A 292 -17.60 -7.01 -18.15
N TYR A 293 -16.51 -6.54 -18.76
CA TYR A 293 -15.32 -5.97 -18.06
C TYR A 293 -15.77 -4.92 -17.05
N GLN A 294 -16.33 -3.82 -17.56
CA GLN A 294 -16.74 -2.65 -16.77
C GLN A 294 -17.67 -3.10 -15.64
N GLU A 295 -18.56 -4.06 -15.90
CA GLU A 295 -19.60 -4.49 -14.94
C GLU A 295 -18.96 -5.39 -13.87
N ALA A 296 -17.98 -6.23 -14.24
CA ALA A 296 -17.13 -7.03 -13.33
C ALA A 296 -16.24 -6.09 -12.49
N ARG A 297 -15.48 -5.23 -13.17
CA ARG A 297 -14.65 -4.15 -12.57
C ARG A 297 -15.46 -3.47 -11.46
N LYS A 298 -16.65 -2.97 -11.78
CA LYS A 298 -17.53 -2.20 -10.86
C LYS A 298 -17.88 -3.02 -9.60
N ILE A 299 -18.18 -4.31 -9.75
CA ILE A 299 -18.47 -5.22 -8.58
C ILE A 299 -17.24 -5.28 -7.68
N LEU A 300 -16.06 -5.58 -8.26
CA LEU A 300 -14.80 -5.82 -7.53
C LEU A 300 -14.40 -4.56 -6.75
N GLY A 301 -14.55 -3.39 -7.37
CA GLY A 301 -14.23 -2.09 -6.74
C GLY A 301 -15.13 -1.81 -5.56
N ALA A 302 -16.37 -2.27 -5.63
CA ALA A 302 -17.36 -2.25 -4.52
C ALA A 302 -16.91 -3.21 -3.42
N PHE A 303 -16.51 -4.42 -3.81
CA PHE A 303 -16.00 -5.47 -2.88
C PHE A 303 -14.89 -4.86 -2.01
N ILE A 304 -13.85 -4.28 -2.62
CA ILE A 304 -12.67 -3.72 -1.89
C ILE A 304 -13.16 -2.64 -0.94
N GLN A 305 -14.11 -1.83 -1.37
CA GLN A 305 -14.66 -0.71 -0.56
C GLN A 305 -15.26 -1.29 0.72
N ILE A 306 -16.13 -2.30 0.60
CA ILE A 306 -16.89 -2.91 1.73
C ILE A 306 -15.92 -3.59 2.68
N ILE A 307 -15.05 -4.45 2.16
CA ILE A 307 -14.06 -5.18 2.99
C ILE A 307 -13.23 -4.15 3.78
N THR A 308 -12.83 -3.06 3.13
CA THR A 308 -11.92 -2.03 3.72
C THR A 308 -12.64 -1.24 4.81
N PHE A 309 -13.81 -0.68 4.49
CA PHE A 309 -14.55 0.26 5.38
C PHE A 309 -15.35 -0.48 6.44
N ARG A 310 -15.86 -1.69 6.15
CA ARG A 310 -16.67 -2.50 7.11
C ARG A 310 -15.76 -3.38 8.00
N ASP A 311 -14.78 -4.09 7.42
CA ASP A 311 -13.99 -5.10 8.16
C ASP A 311 -12.66 -4.51 8.65
N TYR A 312 -11.94 -3.77 7.82
CA TYR A 312 -10.52 -3.39 8.04
C TYR A 312 -10.40 -2.15 8.94
N LEU A 313 -11.04 -1.04 8.57
CA LEU A 313 -10.78 0.26 9.24
C LEU A 313 -11.22 0.24 10.70
N PRO A 314 -12.32 -0.45 11.09
CA PRO A 314 -12.72 -0.51 12.50
C PRO A 314 -11.68 -1.17 13.42
N ILE A 315 -10.94 -2.16 12.92
CA ILE A 315 -9.89 -2.88 13.72
C ILE A 315 -8.52 -2.25 13.46
N VAL A 316 -8.43 -1.19 12.63
CA VAL A 316 -7.23 -0.29 12.62
C VAL A 316 -7.52 0.85 13.61
N LEU A 317 -8.63 1.56 13.40
CA LEU A 317 -8.93 2.86 14.07
C LEU A 317 -9.52 2.58 15.48
N GLY A 318 -10.23 1.45 15.63
CA GLY A 318 -10.85 1.07 16.91
C GLY A 318 -11.81 2.12 17.41
N SER A 319 -11.48 2.77 18.53
CA SER A 319 -12.36 3.70 19.28
C SER A 319 -12.51 5.01 18.48
N GLU A 320 -11.51 5.34 17.66
CA GLU A 320 -11.43 6.61 16.91
C GLU A 320 -12.25 6.50 15.62
N MET A 321 -12.67 5.30 15.25
CA MET A 321 -13.28 5.01 13.92
C MET A 321 -14.49 5.95 13.71
N GLN A 322 -15.43 5.93 14.66
CA GLN A 322 -16.77 6.58 14.55
C GLN A 322 -16.53 8.09 14.48
N LYS A 323 -15.51 8.56 15.21
CA LYS A 323 -15.14 9.99 15.36
C LYS A 323 -14.63 10.59 14.04
N TRP A 324 -13.91 9.83 13.20
CA TRP A 324 -13.34 10.34 11.90
C TRP A 324 -14.17 9.84 10.70
N ILE A 325 -14.74 8.64 10.80
CA ILE A 325 -15.52 8.02 9.69
C ILE A 325 -16.92 7.76 10.20
N PRO A 326 -17.73 8.82 10.43
CA PRO A 326 -19.10 8.65 10.90
C PRO A 326 -19.83 7.90 9.80
N PRO A 327 -20.97 7.25 10.08
CA PRO A 327 -21.63 6.41 9.08
C PRO A 327 -21.96 7.23 7.82
N TYR A 328 -22.05 6.57 6.66
CA TYR A 328 -22.20 7.20 5.31
C TYR A 328 -23.51 8.01 5.25
N GLN A 329 -23.42 9.22 4.69
CA GLN A 329 -24.51 10.22 4.50
C GLN A 329 -24.52 10.73 3.05
N GLY A 330 -24.13 9.90 2.07
CA GLY A 330 -24.18 10.21 0.62
C GLY A 330 -22.94 10.96 0.11
N TYR A 331 -22.83 11.08 -1.22
CA TYR A 331 -21.75 11.79 -1.98
C TYR A 331 -21.78 13.29 -1.68
N ASN A 332 -20.63 13.84 -1.28
CA ASN A 332 -20.38 15.30 -1.12
C ASN A 332 -19.34 15.71 -2.17
N ASN A 333 -19.70 16.64 -3.05
CA ASN A 333 -18.87 17.04 -4.22
C ASN A 333 -17.91 18.16 -3.82
N SER A 334 -18.01 18.67 -2.59
CA SER A 334 -17.12 19.71 -2.02
C SER A 334 -15.97 19.07 -1.24
N VAL A 335 -15.94 17.74 -1.11
CA VAL A 335 -14.85 16.96 -0.43
C VAL A 335 -13.70 16.75 -1.42
N ASP A 336 -12.47 17.10 -1.01
CA ASP A 336 -11.21 16.73 -1.71
C ASP A 336 -10.99 15.22 -1.54
N PRO A 337 -11.12 14.38 -2.59
CA PRO A 337 -10.92 12.94 -2.43
C PRO A 337 -9.48 12.53 -2.71
N ARG A 338 -8.60 13.52 -2.93
CA ARG A 338 -7.16 13.34 -3.25
C ARG A 338 -6.45 12.75 -2.03
N ILE A 339 -5.50 11.85 -2.26
CA ILE A 339 -4.57 11.32 -1.20
C ILE A 339 -3.59 12.43 -0.89
N SER A 340 -3.45 12.76 0.41
CA SER A 340 -2.51 13.75 0.98
C SER A 340 -1.10 13.15 1.03
N ASN A 341 -0.08 14.00 0.98
CA ASN A 341 1.33 13.54 0.97
C ASN A 341 1.54 12.81 2.32
N VAL A 342 1.01 13.35 3.42
CA VAL A 342 1.25 12.78 4.79
C VAL A 342 0.60 11.39 4.90
N PHE A 343 -0.49 11.12 4.19
CA PHE A 343 -1.16 9.79 4.24
C PHE A 343 -0.19 8.68 3.81
N THR A 344 0.63 8.95 2.79
CA THR A 344 1.48 7.93 2.14
C THR A 344 2.58 7.50 3.14
N PHE A 345 2.78 8.28 4.21
CA PHE A 345 3.69 7.99 5.35
C PHE A 345 2.89 7.40 6.54
N ALA A 346 1.71 7.95 6.85
CA ALA A 346 0.80 7.47 7.93
C ALA A 346 0.51 5.98 7.75
N PHE A 347 0.27 5.56 6.52
CA PHE A 347 -0.16 4.21 6.19
C PHE A 347 1.01 3.23 6.31
N ARG A 348 2.25 3.72 6.40
CA ARG A 348 3.44 2.86 6.57
C ARG A 348 3.57 2.35 8.02
N PHE A 349 2.52 2.48 8.82
CA PHE A 349 2.41 1.77 10.12
C PHE A 349 2.40 0.28 9.83
N GLY A 350 2.04 -0.05 8.59
CA GLY A 350 2.02 -1.44 8.09
C GLY A 350 3.35 -2.14 8.29
N HIS A 351 4.45 -1.41 8.11
CA HIS A 351 5.84 -1.94 8.15
C HIS A 351 6.14 -2.62 9.50
N MET A 352 5.48 -2.22 10.59
CA MET A 352 5.73 -2.79 11.94
C MET A 352 4.74 -3.94 12.18
N GLU A 353 3.92 -4.25 11.18
CA GLU A 353 2.98 -5.39 11.26
C GLU A 353 3.51 -6.58 10.48
N VAL A 354 4.66 -6.45 9.81
CA VAL A 354 5.26 -7.53 8.99
C VAL A 354 6.15 -8.39 9.88
N PRO A 355 5.87 -9.71 9.98
CA PRO A 355 6.63 -10.60 10.85
C PRO A 355 7.75 -11.22 9.99
N SER A 356 8.69 -11.95 10.63
CA SER A 356 9.99 -12.34 10.02
C SER A 356 9.86 -13.55 9.08
N THR A 357 8.73 -14.27 9.08
CA THR A 357 8.54 -15.53 8.28
C THR A 357 7.15 -15.65 7.65
N VAL A 358 7.07 -16.54 6.65
CA VAL A 358 5.85 -16.92 5.89
C VAL A 358 5.78 -18.44 5.82
N SER A 359 4.61 -19.02 6.08
CA SER A 359 4.36 -20.47 6.08
C SER A 359 3.48 -20.86 4.88
N ARG A 360 3.67 -22.09 4.40
CA ARG A 360 2.71 -22.77 3.50
C ARG A 360 2.07 -23.89 4.32
N LEU A 361 0.74 -23.96 4.29
CA LEU A 361 -0.07 -24.92 5.08
C LEU A 361 -0.87 -25.82 4.15
N ASP A 362 -0.99 -27.10 4.50
CA ASP A 362 -1.78 -28.09 3.71
C ASP A 362 -3.26 -27.99 4.13
N GLU A 363 -4.10 -28.81 3.49
CA GLU A 363 -5.58 -28.78 3.63
C GLU A 363 -5.99 -29.10 5.08
N ASN A 364 -5.11 -29.68 5.90
CA ASN A 364 -5.31 -29.90 7.35
C ASN A 364 -4.72 -28.74 8.16
N TYR A 365 -4.29 -27.67 7.48
CA TYR A 365 -3.67 -26.44 8.08
C TYR A 365 -2.44 -26.86 8.89
N GLN A 366 -1.66 -27.78 8.32
CA GLN A 366 -0.41 -28.31 8.92
C GLN A 366 0.75 -27.90 8.01
N PRO A 367 2.03 -28.06 8.42
CA PRO A 367 3.15 -27.66 7.58
C PRO A 367 3.17 -28.36 6.22
N TRP A 368 3.16 -27.57 5.14
CA TRP A 368 3.21 -28.02 3.73
C TRP A 368 4.67 -28.22 3.33
N GLY A 369 5.12 -29.48 3.29
CA GLY A 369 6.47 -29.85 2.87
C GLY A 369 7.49 -29.56 3.97
N PRO A 370 8.76 -29.95 3.74
CA PRO A 370 9.82 -29.81 4.75
C PRO A 370 10.43 -28.40 4.93
N GLU A 371 10.11 -27.44 4.04
CA GLU A 371 10.49 -26.00 4.21
C GLU A 371 9.20 -25.15 4.14
N ALA A 372 8.14 -25.61 4.80
CA ALA A 372 6.81 -24.95 4.85
C ALA A 372 6.98 -23.48 5.26
N GLU A 373 7.78 -23.22 6.29
CA GLU A 373 8.08 -21.87 6.84
C GLU A 373 9.40 -21.37 6.22
N LEU A 374 9.44 -20.08 5.84
CA LEU A 374 10.60 -19.47 5.16
C LEU A 374 10.82 -18.07 5.73
N PRO A 375 12.04 -17.50 5.67
CA PRO A 375 12.26 -16.11 6.03
C PRO A 375 11.63 -15.18 5.00
N LEU A 376 11.00 -14.10 5.48
CA LEU A 376 10.42 -13.02 4.64
C LEU A 376 11.44 -12.63 3.57
N HIS A 377 12.71 -12.42 3.92
CA HIS A 377 13.65 -11.81 2.96
C HIS A 377 13.83 -12.69 1.70
N THR A 378 13.67 -14.02 1.77
CA THR A 378 13.84 -14.91 0.57
C THR A 378 12.62 -14.80 -0.35
N LEU A 379 11.60 -14.04 0.04
CA LEU A 379 10.32 -13.96 -0.70
C LEU A 379 10.12 -12.58 -1.32
N PHE A 380 11.08 -11.67 -1.22
CA PHE A 380 11.03 -10.44 -2.04
C PHE A 380 11.16 -10.86 -3.52
N PHE A 381 10.20 -10.45 -4.36
CA PHE A 381 10.26 -10.56 -5.85
C PHE A 381 10.35 -12.02 -6.27
N ASN A 382 9.74 -12.90 -5.48
CA ASN A 382 9.84 -14.37 -5.58
C ASN A 382 8.50 -14.88 -6.10
N THR A 383 8.42 -15.10 -7.41
CA THR A 383 7.23 -15.66 -8.09
C THR A 383 7.40 -17.18 -8.26
N TRP A 384 8.65 -17.67 -8.29
CA TRP A 384 8.91 -19.10 -8.58
C TRP A 384 8.31 -19.98 -7.48
N ARG A 385 8.42 -19.55 -6.21
CA ARG A 385 7.90 -20.29 -5.03
C ARG A 385 6.37 -20.49 -5.11
N ILE A 386 5.68 -19.71 -5.95
CA ILE A 386 4.23 -19.89 -6.27
C ILE A 386 4.10 -20.94 -7.38
N ILE A 387 4.83 -20.74 -8.49
CA ILE A 387 4.77 -21.58 -9.72
C ILE A 387 5.31 -22.98 -9.38
N LYS A 388 6.49 -23.06 -8.78
CA LYS A 388 7.27 -24.32 -8.63
C LYS A 388 7.02 -25.00 -7.27
N ASP A 389 6.03 -24.59 -6.47
CA ASP A 389 5.96 -25.06 -5.05
C ASP A 389 4.59 -24.86 -4.40
N GLY A 390 3.48 -25.18 -5.09
CA GLY A 390 2.17 -25.45 -4.45
C GLY A 390 1.03 -24.53 -4.88
N GLY A 391 1.27 -23.56 -5.76
CA GLY A 391 0.29 -22.51 -6.12
C GLY A 391 -0.04 -21.61 -4.94
N ILE A 392 -1.12 -20.83 -5.02
CA ILE A 392 -1.40 -19.83 -3.95
C ILE A 392 -2.02 -20.52 -2.73
N ASP A 393 -2.70 -21.68 -2.90
CA ASP A 393 -3.61 -22.24 -1.86
C ASP A 393 -2.88 -22.41 -0.52
N PRO A 394 -1.66 -23.02 -0.49
CA PRO A 394 -0.91 -23.18 0.76
C PRO A 394 -0.49 -21.86 1.41
N LEU A 395 -0.37 -20.78 0.63
CA LEU A 395 0.03 -19.43 1.13
C LEU A 395 -1.21 -18.72 1.66
N VAL A 396 -2.35 -18.86 0.99
CA VAL A 396 -3.65 -18.30 1.44
C VAL A 396 -4.04 -18.94 2.78
N ARG A 397 -3.66 -20.19 3.05
CA ARG A 397 -3.94 -20.83 4.36
C ARG A 397 -3.07 -20.17 5.43
N GLY A 398 -1.81 -19.84 5.12
CA GLY A 398 -0.91 -19.16 6.06
C GLY A 398 -1.39 -17.76 6.43
N LEU A 399 -2.03 -17.03 5.51
CA LEU A 399 -2.67 -15.71 5.77
C LEU A 399 -3.85 -15.85 6.75
N LEU A 400 -4.53 -17.00 6.75
CA LEU A 400 -5.69 -17.24 7.66
C LEU A 400 -5.23 -17.66 9.06
N ALA A 401 -4.23 -18.54 9.14
CA ALA A 401 -3.87 -19.27 10.39
C ALA A 401 -2.65 -18.67 11.06
N LYS A 402 -1.79 -17.94 10.33
CA LYS A 402 -0.63 -17.28 10.98
C LYS A 402 -1.02 -15.88 11.44
N LYS A 403 -0.09 -15.17 12.10
CA LYS A 403 -0.36 -13.86 12.74
C LYS A 403 0.46 -12.73 12.11
N SER A 404 -0.12 -11.53 12.05
CA SER A 404 0.61 -10.25 11.88
C SER A 404 1.55 -10.08 13.07
N LYS A 405 2.64 -9.35 12.84
CA LYS A 405 3.46 -8.79 13.93
C LYS A 405 2.63 -7.69 14.61
N LEU A 406 2.79 -7.55 15.91
CA LEU A 406 2.20 -6.43 16.70
C LEU A 406 3.22 -5.30 16.72
N MET A 407 2.77 -4.06 16.54
CA MET A 407 3.66 -2.88 16.80
C MET A 407 4.17 -3.05 18.22
N ASN A 408 5.38 -2.60 18.47
CA ASN A 408 6.04 -2.74 19.78
C ASN A 408 7.07 -1.62 19.85
N GLN A 409 7.08 -0.83 20.94
CA GLN A 409 7.95 0.35 21.11
C GLN A 409 9.41 -0.11 21.25
N ASP A 410 9.61 -1.39 21.60
CA ASP A 410 10.96 -1.98 21.78
C ASP A 410 11.31 -2.83 20.56
N LYS A 411 10.36 -3.06 19.64
CA LYS A 411 10.48 -4.04 18.49
C LYS A 411 9.67 -3.57 17.27
N MET A 412 10.11 -2.51 16.61
CA MET A 412 9.29 -1.81 15.60
C MET A 412 9.28 -2.60 14.30
N VAL A 413 10.44 -2.74 13.65
CA VAL A 413 10.55 -3.26 12.27
C VAL A 413 11.54 -4.42 12.29
N THR A 414 11.08 -5.62 11.89
CA THR A 414 11.89 -6.85 11.74
C THR A 414 13.06 -6.60 10.78
N SER A 415 14.24 -7.09 11.17
CA SER A 415 15.50 -7.07 10.39
C SER A 415 15.29 -7.61 8.98
N GLU A 416 14.26 -8.42 8.76
CA GLU A 416 13.99 -8.94 7.39
C GLU A 416 13.75 -7.75 6.46
N LEU A 417 13.15 -6.67 6.98
CA LEU A 417 12.90 -5.39 6.25
C LEU A 417 13.96 -4.36 6.60
N ARG A 418 14.44 -4.36 7.85
CA ARG A 418 15.31 -3.26 8.36
C ARG A 418 16.76 -3.53 7.93
N ASN A 419 17.14 -4.76 7.60
CA ASN A 419 18.55 -5.04 7.19
C ASN A 419 18.64 -5.83 5.89
N LYS A 420 17.58 -6.53 5.47
CA LYS A 420 17.69 -7.55 4.39
C LYS A 420 16.77 -7.27 3.21
N LEU A 421 16.25 -6.05 3.08
CA LEU A 421 15.30 -5.69 1.98
C LEU A 421 16.06 -5.75 0.65
N PHE A 422 15.45 -6.36 -0.35
CA PHE A 422 15.94 -6.32 -1.74
C PHE A 422 15.17 -5.22 -2.46
N GLN A 423 15.85 -4.48 -3.33
CA GLN A 423 15.21 -3.49 -4.25
C GLN A 423 15.63 -3.80 -5.68
N PRO A 424 14.68 -3.80 -6.65
CA PRO A 424 14.94 -4.26 -8.02
C PRO A 424 16.32 -4.00 -8.66
N THR A 425 16.95 -2.82 -8.53
CA THR A 425 18.15 -2.55 -9.37
C THR A 425 19.43 -2.91 -8.64
N HIS A 426 19.40 -2.83 -7.31
CA HIS A 426 20.55 -3.05 -6.42
C HIS A 426 20.61 -4.56 -6.20
N LYS A 427 21.73 -5.11 -5.75
CA LYS A 427 22.05 -6.53 -6.05
C LYS A 427 21.77 -7.39 -4.81
N ILE A 428 21.72 -6.76 -3.64
CA ILE A 428 21.87 -7.47 -2.34
C ILE A 428 20.57 -7.42 -1.55
N HIS A 429 20.35 -8.44 -0.73
CA HIS A 429 19.31 -8.45 0.32
C HIS A 429 19.85 -7.68 1.53
N GLY A 430 20.07 -6.36 1.37
CA GLY A 430 20.94 -5.59 2.27
C GLY A 430 20.47 -4.19 2.60
N PHE A 431 19.18 -3.89 2.38
CA PHE A 431 18.61 -2.53 2.52
C PHE A 431 17.74 -2.45 3.79
N ASP A 432 17.31 -1.23 4.11
CA ASP A 432 16.54 -0.86 5.32
C ASP A 432 15.30 -0.03 4.96
N LEU A 433 14.12 -0.65 5.04
CA LEU A 433 12.83 0.03 4.77
C LEU A 433 12.59 1.19 5.74
N ALA A 434 13.06 1.08 6.99
CA ALA A 434 12.85 2.08 8.05
C ALA A 434 13.63 3.34 7.67
N ALA A 435 14.92 3.17 7.44
CA ALA A 435 15.85 4.20 6.95
C ALA A 435 15.23 4.85 5.70
N ILE A 436 14.72 4.07 4.77
CA ILE A 436 14.11 4.57 3.51
C ILE A 436 12.95 5.49 3.88
N ASN A 437 12.03 4.97 4.70
CA ASN A 437 10.82 5.70 5.13
C ASN A 437 11.24 7.10 5.64
N LEU A 438 12.32 7.16 6.41
CA LEU A 438 12.69 8.41 7.10
C LEU A 438 13.30 9.37 6.08
N GLN A 439 14.14 8.87 5.18
CA GLN A 439 14.80 9.69 4.14
C GLN A 439 13.70 10.27 3.23
N ARG A 440 12.70 9.43 2.93
CA ARG A 440 11.53 9.79 2.10
C ARG A 440 10.71 10.89 2.76
N CYS A 441 10.55 10.86 4.08
CA CYS A 441 9.77 11.89 4.82
C CYS A 441 10.37 13.24 4.44
N ARG A 442 11.71 13.28 4.52
CA ARG A 442 12.55 14.48 4.31
C ARG A 442 12.43 14.90 2.86
N ASP A 443 12.60 13.94 1.94
CA ASP A 443 12.52 14.10 0.47
C ASP A 443 11.19 14.77 0.09
N HIS A 444 10.10 14.40 0.76
CA HIS A 444 8.73 14.90 0.50
C HIS A 444 8.45 16.21 1.25
N GLY A 445 9.41 16.78 1.96
CA GLY A 445 9.22 18.05 2.69
C GLY A 445 8.23 17.93 3.85
N MET A 446 8.21 16.79 4.53
CA MET A 446 7.18 16.52 5.57
C MET A 446 7.39 17.47 6.76
N PRO A 447 6.32 18.15 7.25
CA PRO A 447 6.36 18.76 8.58
C PRO A 447 6.67 17.71 9.67
N GLY A 448 7.21 18.19 10.78
CA GLY A 448 7.61 17.38 11.95
C GLY A 448 6.40 16.98 12.78
N TYR A 449 6.65 16.19 13.84
CA TYR A 449 5.65 15.49 14.69
C TYR A 449 4.67 16.49 15.30
N ASN A 450 5.16 17.63 15.80
CA ASN A 450 4.31 18.56 16.60
C ASN A 450 3.41 19.35 15.63
N SER A 451 3.87 19.59 14.41
CA SER A 451 3.06 20.26 13.35
C SER A 451 1.82 19.41 13.15
N TRP A 452 2.04 18.09 13.01
CA TRP A 452 0.96 17.11 12.81
C TRP A 452 0.12 16.93 14.09
N ARG A 453 0.72 16.86 15.28
CA ARG A 453 -0.04 16.86 16.57
C ARG A 453 -0.98 18.07 16.60
N GLY A 454 -0.41 19.27 16.39
CA GLY A 454 -1.12 20.55 16.23
C GLY A 454 -2.28 20.44 15.26
N PHE A 455 -2.04 19.85 14.09
CA PHE A 455 -3.05 19.70 13.00
C PHE A 455 -4.21 18.84 13.49
N CYS A 456 -3.93 17.85 14.34
CA CYS A 456 -4.95 16.86 14.81
C CYS A 456 -5.57 17.31 16.13
N GLY A 457 -5.21 18.52 16.61
CA GLY A 457 -5.72 19.09 17.87
C GLY A 457 -5.29 18.22 19.04
N LEU A 458 -4.01 17.82 19.05
CA LEU A 458 -3.36 17.04 20.14
C LEU A 458 -2.23 17.87 20.72
N SER A 459 -1.93 17.64 22.01
CA SER A 459 -0.87 18.35 22.76
C SER A 459 0.43 18.26 21.97
N GLN A 460 1.35 19.22 22.18
CA GLN A 460 2.63 19.31 21.44
C GLN A 460 3.77 19.35 22.43
N PRO A 461 4.29 18.16 22.85
CA PRO A 461 5.40 18.07 23.82
C PRO A 461 6.68 18.79 23.36
N LYS A 462 7.34 19.50 24.28
CA LYS A 462 8.57 20.31 23.98
C LYS A 462 9.78 19.78 24.76
N THR A 463 9.56 19.01 25.83
CA THR A 463 10.61 18.46 26.72
C THR A 463 10.56 16.94 26.72
N LEU A 464 11.62 16.30 27.23
CA LEU A 464 11.69 14.84 27.48
C LEU A 464 10.40 14.37 28.16
N LYS A 465 10.04 15.00 29.27
CA LYS A 465 8.98 14.51 30.19
C LYS A 465 7.61 14.69 29.54
N GLY A 466 7.41 15.76 28.78
CA GLY A 466 6.23 15.87 27.90
C GLY A 466 6.20 14.68 26.97
N LEU A 467 7.32 14.43 26.30
CA LEU A 467 7.39 13.36 25.28
C LEU A 467 7.16 12.01 25.97
N GLN A 468 7.65 11.84 27.21
CA GLN A 468 7.52 10.57 27.96
C GLN A 468 6.05 10.33 28.25
N THR A 469 5.33 11.38 28.65
CA THR A 469 3.88 11.32 29.03
C THR A 469 3.04 10.92 27.82
N VAL A 470 3.35 11.46 26.64
CA VAL A 470 2.61 11.19 25.38
C VAL A 470 2.96 9.77 24.88
N LEU A 471 4.25 9.43 24.76
CA LEU A 471 4.72 8.07 24.34
C LEU A 471 4.46 7.02 25.43
N LYS A 472 4.13 7.44 26.65
CA LYS A 472 4.04 6.53 27.81
C LYS A 472 5.26 5.60 27.81
N ASN A 473 6.45 6.17 27.62
CA ASN A 473 7.70 5.37 27.53
C ASN A 473 8.88 6.31 27.74
N LYS A 474 9.63 6.10 28.82
CA LYS A 474 10.70 7.02 29.25
C LYS A 474 11.94 6.80 28.40
N ILE A 475 12.25 5.54 28.09
CA ILE A 475 13.51 5.15 27.37
C ILE A 475 13.36 5.52 25.90
N LEU A 476 12.23 5.18 25.27
CA LEU A 476 11.97 5.52 23.85
C LEU A 476 11.98 7.04 23.65
N ALA A 477 11.26 7.77 24.50
CA ALA A 477 11.23 9.26 24.51
C ALA A 477 12.67 9.80 24.63
N LYS A 478 13.49 9.14 25.45
CA LYS A 478 14.87 9.55 25.79
C LYS A 478 15.73 9.41 24.53
N LYS A 479 15.65 8.24 23.89
CA LYS A 479 16.41 7.91 22.66
C LYS A 479 16.01 8.90 21.56
N LEU A 480 14.72 9.16 21.44
CA LEU A 480 14.16 10.15 20.49
C LEU A 480 14.75 11.54 20.76
N MET A 481 14.85 11.97 22.02
CA MET A 481 15.31 13.32 22.36
C MET A 481 16.82 13.40 22.12
N ASP A 482 17.51 12.32 22.47
CA ASP A 482 18.96 12.18 22.22
C ASP A 482 19.24 12.34 20.74
N LEU A 483 18.37 11.81 19.89
CA LEU A 483 18.57 11.86 18.41
C LEU A 483 18.08 13.19 17.83
N TYR A 484 16.87 13.64 18.16
CA TYR A 484 16.16 14.75 17.46
C TYR A 484 16.32 16.09 18.20
N LYS A 485 16.47 16.06 19.52
CA LYS A 485 16.85 17.21 20.40
C LYS A 485 15.63 18.04 20.74
N THR A 486 14.64 18.07 19.84
CA THR A 486 13.29 18.63 20.10
C THR A 486 12.27 17.74 19.42
N PRO A 487 11.09 17.50 20.03
CA PRO A 487 10.05 16.70 19.39
C PRO A 487 9.56 17.34 18.08
N ASP A 488 9.74 18.66 17.96
CA ASP A 488 9.38 19.42 16.74
C ASP A 488 10.09 18.83 15.52
N ASN A 489 11.25 18.19 15.71
CA ASN A 489 12.16 17.73 14.62
C ASN A 489 12.00 16.25 14.32
N ILE A 490 11.19 15.52 15.10
CA ILE A 490 10.95 14.05 14.92
C ILE A 490 10.22 13.83 13.60
N ASP A 491 10.75 12.94 12.77
CA ASP A 491 10.18 12.55 11.46
C ASP A 491 8.81 11.90 11.77
N ILE A 492 7.75 12.28 11.05
CA ILE A 492 6.33 11.93 11.36
C ILE A 492 6.13 10.40 11.32
N TRP A 493 6.82 9.68 10.43
CA TRP A 493 6.63 8.20 10.32
C TRP A 493 6.90 7.55 11.68
N ILE A 494 8.03 7.89 12.31
CA ILE A 494 8.45 7.24 13.59
C ILE A 494 7.77 7.95 14.76
N GLY A 495 7.55 9.26 14.67
CA GLY A 495 6.83 10.00 15.71
C GLY A 495 5.44 9.43 15.90
N GLY A 496 4.70 9.31 14.80
CA GLY A 496 3.35 8.73 14.79
C GLY A 496 3.32 7.30 15.29
N ASN A 497 4.34 6.51 14.93
CA ASN A 497 4.32 5.04 15.16
C ASN A 497 4.81 4.73 16.59
N ALA A 498 5.46 5.68 17.26
CA ALA A 498 5.95 5.58 18.65
C ALA A 498 4.78 5.60 19.64
N GLU A 499 3.65 6.22 19.26
CA GLU A 499 2.47 6.46 20.12
C GLU A 499 1.78 5.14 20.45
N PRO A 500 1.48 4.84 21.73
CA PRO A 500 0.73 3.64 22.09
C PRO A 500 -0.58 3.57 21.31
N MET A 501 -1.08 2.37 21.04
CA MET A 501 -2.28 2.18 20.19
C MET A 501 -3.54 2.53 20.99
N VAL A 502 -4.55 3.09 20.30
CA VAL A 502 -5.90 3.40 20.82
C VAL A 502 -6.62 2.07 21.15
N GLU A 503 -7.60 2.15 22.05
CA GLU A 503 -8.40 0.98 22.45
C GLU A 503 -8.96 0.36 21.18
N ARG A 504 -8.93 -0.97 21.07
CA ARG A 504 -9.54 -1.84 20.01
C ARG A 504 -8.96 -1.56 18.60
N GLY A 505 -7.82 -0.88 18.47
CA GLY A 505 -7.20 -0.56 17.16
C GLY A 505 -5.71 -0.90 17.16
N ARG A 506 -4.96 -0.47 16.14
CA ARG A 506 -3.51 -0.84 15.98
C ARG A 506 -2.70 0.39 15.56
N VAL A 507 -3.21 1.60 15.82
CA VAL A 507 -2.45 2.87 15.67
C VAL A 507 -2.77 3.79 16.86
N GLY A 508 -1.90 4.75 17.10
CA GLY A 508 -2.07 5.73 18.17
C GLY A 508 -3.01 6.84 17.72
N PRO A 509 -3.17 7.91 18.53
CA PRO A 509 -4.10 8.99 18.21
C PRO A 509 -3.75 9.82 16.96
N LEU A 510 -2.48 10.13 16.77
CA LEU A 510 -2.05 11.01 15.67
C LEU A 510 -2.35 10.28 14.36
N LEU A 511 -1.84 9.07 14.23
CA LEU A 511 -2.13 8.20 13.04
C LEU A 511 -3.63 8.04 12.86
N ALA A 512 -4.39 7.76 13.92
CA ALA A 512 -5.85 7.49 13.80
C ALA A 512 -6.53 8.74 13.20
N CYS A 513 -6.05 9.92 13.57
CA CYS A 513 -6.53 11.22 13.03
C CYS A 513 -6.15 11.38 11.55
N LEU A 514 -4.85 11.22 11.21
CA LEU A 514 -4.37 11.33 9.80
C LEU A 514 -5.04 10.25 8.94
N LEU A 515 -5.08 8.99 9.36
CA LEU A 515 -5.71 7.91 8.56
C LEU A 515 -7.21 8.18 8.46
N GLY A 516 -7.84 8.50 9.58
CA GLY A 516 -9.31 8.72 9.69
C GLY A 516 -9.80 9.76 8.69
N ARG A 517 -9.21 10.96 8.71
CA ARG A 517 -9.52 12.07 7.77
C ARG A 517 -9.47 11.52 6.34
N GLN A 518 -8.32 11.01 5.91
CA GLN A 518 -8.06 10.55 4.53
C GLN A 518 -9.14 9.55 4.08
N PHE A 519 -9.40 8.49 4.86
CA PHE A 519 -10.40 7.45 4.50
C PHE A 519 -11.81 8.07 4.47
N GLN A 520 -12.11 9.01 5.36
CA GLN A 520 -13.41 9.75 5.30
C GLN A 520 -13.53 10.51 3.97
N GLN A 521 -12.46 11.17 3.54
CA GLN A 521 -12.42 12.01 2.32
C GLN A 521 -12.56 11.16 1.05
N ILE A 522 -11.84 10.04 0.96
CA ILE A 522 -11.91 9.20 -0.28
C ILE A 522 -13.28 8.52 -0.35
N ARG A 523 -13.96 8.28 0.78
CA ARG A 523 -15.33 7.71 0.73
C ARG A 523 -16.34 8.81 0.34
N ASP A 524 -16.29 9.94 1.03
CA ASP A 524 -17.29 11.04 0.90
C ASP A 524 -17.13 11.75 -0.45
N GLY A 525 -15.90 11.83 -0.97
CA GLY A 525 -15.54 12.59 -2.19
C GLY A 525 -15.64 11.75 -3.45
N ASP A 526 -16.19 10.54 -3.36
CA ASP A 526 -16.20 9.57 -4.48
C ASP A 526 -17.62 9.43 -5.03
N ARG A 527 -17.81 9.92 -6.27
CA ARG A 527 -19.11 10.00 -6.97
C ARG A 527 -19.60 8.57 -7.22
N PHE A 528 -18.68 7.61 -7.29
CA PHE A 528 -18.94 6.20 -7.67
C PHE A 528 -18.89 5.27 -6.46
N TRP A 529 -18.88 5.81 -5.24
CA TRP A 529 -18.99 4.99 -4.00
C TRP A 529 -20.18 4.03 -4.13
N TRP A 530 -20.02 2.78 -3.70
CA TRP A 530 -21.01 1.69 -3.92
C TRP A 530 -22.37 1.99 -3.26
N GLU A 531 -22.39 2.63 -2.08
CA GLU A 531 -23.63 2.94 -1.30
C GLU A 531 -24.23 4.26 -1.79
N ASN A 532 -23.44 5.10 -2.46
CA ASN A 532 -23.95 6.35 -3.10
C ASN A 532 -25.20 5.96 -3.89
N PRO A 533 -26.39 6.50 -3.56
CA PRO A 533 -27.61 6.12 -4.24
C PRO A 533 -27.47 6.36 -5.75
N GLY A 534 -27.87 5.38 -6.56
CA GLY A 534 -27.86 5.48 -8.04
C GLY A 534 -26.66 4.79 -8.65
N VAL A 535 -25.66 4.41 -7.85
CA VAL A 535 -24.50 3.63 -8.35
C VAL A 535 -24.96 2.18 -8.55
N PHE A 536 -25.57 1.58 -7.52
CA PHE A 536 -26.15 0.21 -7.61
C PHE A 536 -27.66 0.28 -7.41
N THR A 537 -28.39 -0.76 -7.85
CA THR A 537 -29.84 -0.93 -7.56
C THR A 537 -30.01 -1.41 -6.12
N GLU A 538 -31.07 -0.95 -5.46
CA GLU A 538 -31.36 -1.20 -4.02
C GLU A 538 -31.27 -2.71 -3.73
N LYS A 539 -31.55 -3.54 -4.74
CA LYS A 539 -31.50 -5.02 -4.63
C LYS A 539 -30.04 -5.48 -4.75
N GLN A 540 -29.30 -4.93 -5.72
CA GLN A 540 -27.85 -5.22 -5.92
C GLN A 540 -27.10 -4.96 -4.62
N ARG A 541 -27.52 -3.95 -3.86
CA ARG A 541 -26.85 -3.46 -2.61
C ARG A 541 -27.14 -4.37 -1.42
N ASP A 542 -28.28 -5.08 -1.39
CA ASP A 542 -28.58 -6.12 -0.35
C ASP A 542 -27.72 -7.36 -0.63
N SER A 543 -27.54 -7.66 -1.91
CA SER A 543 -26.67 -8.74 -2.44
C SER A 543 -25.20 -8.46 -2.07
N LEU A 544 -24.78 -7.19 -2.16
CA LEU A 544 -23.38 -6.73 -1.93
C LEU A 544 -23.01 -6.78 -0.44
N GLN A 545 -23.95 -6.49 0.47
CA GLN A 545 -23.67 -6.38 1.93
C GLN A 545 -23.27 -7.73 2.51
N LYS A 546 -23.31 -8.81 1.73
CA LYS A 546 -23.07 -10.20 2.20
C LYS A 546 -21.65 -10.66 1.85
N VAL A 547 -20.88 -9.86 1.08
CA VAL A 547 -19.48 -10.20 0.67
C VAL A 547 -18.64 -10.40 1.93
N SER A 548 -17.67 -11.31 1.86
CA SER A 548 -16.66 -11.55 2.93
C SER A 548 -15.35 -11.96 2.27
N PHE A 549 -14.23 -11.74 2.93
CA PHE A 549 -12.93 -12.28 2.45
C PHE A 549 -13.01 -13.82 2.48
N SER A 550 -13.75 -14.39 3.42
CA SER A 550 -14.01 -15.85 3.49
C SER A 550 -14.49 -16.34 2.12
N ARG A 551 -15.55 -15.71 1.61
CA ARG A 551 -16.24 -16.08 0.34
C ARG A 551 -15.28 -15.91 -0.84
N LEU A 552 -14.57 -14.78 -0.95
CA LEU A 552 -13.60 -14.56 -2.06
C LEU A 552 -12.61 -15.72 -2.12
N ILE A 553 -12.10 -16.17 -0.98
CA ILE A 553 -11.15 -17.33 -0.92
C ILE A 553 -11.89 -18.57 -1.44
N CYS A 554 -13.05 -18.88 -0.86
CA CYS A 554 -13.86 -20.07 -1.23
C CYS A 554 -14.04 -20.10 -2.76
N ASP A 555 -14.57 -19.02 -3.35
CA ASP A 555 -14.92 -18.94 -4.80
C ASP A 555 -13.68 -19.06 -5.70
N ASN A 556 -12.47 -18.76 -5.22
CA ASN A 556 -11.29 -18.45 -6.09
C ASN A 556 -10.06 -19.29 -5.72
N THR A 557 -10.25 -20.37 -4.96
CA THR A 557 -9.19 -21.36 -4.61
C THR A 557 -9.85 -22.74 -4.51
N HIS A 558 -9.14 -23.74 -3.99
CA HIS A 558 -9.72 -25.08 -3.64
C HIS A 558 -9.58 -25.30 -2.14
N ILE A 559 -9.95 -24.28 -1.35
CA ILE A 559 -9.92 -24.28 0.14
C ILE A 559 -11.37 -24.27 0.62
N THR A 560 -11.70 -25.14 1.57
CA THR A 560 -13.09 -25.44 1.97
C THR A 560 -13.30 -25.12 3.45
N LYS A 561 -12.24 -24.81 4.19
CA LYS A 561 -12.31 -24.49 5.64
C LYS A 561 -11.81 -23.06 5.85
N VAL A 562 -12.71 -22.15 6.23
CA VAL A 562 -12.38 -20.70 6.36
C VAL A 562 -12.89 -20.20 7.70
N PRO A 563 -12.25 -19.15 8.26
CA PRO A 563 -12.83 -18.42 9.38
C PRO A 563 -14.00 -17.57 8.89
N LEU A 564 -14.84 -17.12 9.81
CA LEU A 564 -15.97 -16.20 9.51
C LEU A 564 -15.40 -14.79 9.34
N HIS A 565 -14.51 -14.43 10.26
CA HIS A 565 -13.84 -13.10 10.41
C HIS A 565 -12.34 -13.28 10.15
N ALA A 566 -11.89 -13.03 8.92
CA ALA A 566 -10.54 -13.45 8.43
C ALA A 566 -9.45 -12.54 8.97
N PHE A 567 -9.79 -11.34 9.43
CA PHE A 567 -8.77 -10.38 9.92
C PHE A 567 -8.41 -10.69 11.38
N GLN A 568 -9.34 -11.15 12.22
CA GLN A 568 -8.99 -11.57 13.61
C GLN A 568 -8.10 -12.82 13.54
N ALA A 569 -7.28 -13.06 14.56
CA ALA A 569 -6.54 -14.33 14.73
C ALA A 569 -7.55 -15.48 14.74
N ASN A 570 -7.35 -16.49 13.89
CA ASN A 570 -8.25 -17.67 13.76
C ASN A 570 -7.40 -18.95 13.76
N ASN A 571 -7.80 -19.95 14.53
CA ASN A 571 -7.01 -21.21 14.66
C ASN A 571 -7.85 -22.42 14.28
N TYR A 572 -7.20 -23.36 13.59
CA TYR A 572 -7.83 -24.50 12.86
C TYR A 572 -7.74 -25.77 13.71
N PRO A 573 -8.83 -26.58 13.81
CA PRO A 573 -10.07 -26.36 13.05
C PRO A 573 -11.15 -25.64 13.87
N HIS A 574 -10.80 -25.25 15.09
CA HIS A 574 -11.70 -24.64 16.10
C HIS A 574 -12.50 -23.51 15.44
N ASP A 575 -11.83 -22.48 14.93
CA ASP A 575 -12.47 -21.25 14.38
C ASP A 575 -12.70 -21.37 12.87
N PHE A 576 -12.58 -22.58 12.32
CA PHE A 576 -12.63 -22.83 10.85
C PHE A 576 -13.88 -23.65 10.54
N VAL A 577 -14.78 -23.06 9.74
CA VAL A 577 -16.09 -23.64 9.34
C VAL A 577 -16.02 -23.96 7.85
N ASP A 578 -16.91 -24.82 7.35
CA ASP A 578 -16.99 -25.21 5.92
C ASP A 578 -17.44 -23.98 5.11
N CYS A 579 -17.12 -23.98 3.81
CA CYS A 579 -17.42 -22.88 2.84
C CYS A 579 -18.94 -22.76 2.67
N SER A 580 -19.63 -23.90 2.57
CA SER A 580 -21.12 -23.97 2.55
C SER A 580 -21.65 -23.63 3.94
N THR A 581 -21.84 -22.34 4.20
CA THR A 581 -22.12 -21.76 5.55
C THR A 581 -21.93 -20.25 5.50
N VAL A 582 -21.07 -19.77 4.61
CA VAL A 582 -20.46 -18.42 4.69
C VAL A 582 -21.47 -17.36 4.22
N ASP A 583 -22.11 -17.57 3.05
CA ASP A 583 -22.94 -16.58 2.30
C ASP A 583 -22.24 -16.36 0.96
N LYS A 584 -23.00 -16.23 -0.12
CA LYS A 584 -22.48 -16.01 -1.50
C LYS A 584 -22.82 -14.59 -1.97
N LEU A 585 -22.24 -14.22 -3.11
CA LEU A 585 -22.70 -13.05 -3.91
C LEU A 585 -23.76 -13.53 -4.89
N ASP A 586 -25.03 -13.27 -4.58
CA ASP A 586 -26.16 -13.51 -5.51
C ASP A 586 -26.10 -12.45 -6.61
N LEU A 587 -25.81 -12.86 -7.85
CA LEU A 587 -25.68 -11.97 -9.02
C LEU A 587 -27.01 -11.87 -9.78
N SER A 588 -28.09 -12.42 -9.22
CA SER A 588 -29.46 -12.39 -9.82
C SER A 588 -29.86 -10.94 -10.11
N PRO A 589 -29.65 -9.97 -9.18
CA PRO A 589 -30.08 -8.60 -9.43
C PRO A 589 -29.37 -7.92 -10.62
N TRP A 590 -28.39 -8.59 -11.25
CA TRP A 590 -27.67 -8.12 -12.46
C TRP A 590 -28.27 -8.76 -13.72
N ALA A 591 -29.28 -9.63 -13.55
CA ALA A 591 -30.09 -10.19 -14.65
C ALA A 591 -30.55 -9.04 -15.54
N SER A 592 -30.31 -9.14 -16.85
CA SER A 592 -30.67 -8.12 -17.88
C SER A 592 -32.06 -8.42 -18.44
N ARG A 593 -33.03 -7.55 -18.13
CA ARG A 593 -34.41 -7.57 -18.70
C ARG A 593 -34.43 -6.74 -19.98
N GLU A 594 -34.64 -7.40 -21.14
CA GLU A 594 -34.56 -6.80 -22.50
C GLU A 594 -35.62 -5.70 -22.66
N ASN A 595 -36.84 -5.93 -22.14
CA ASN A 595 -38.02 -5.03 -22.27
C ASN A 595 -37.81 -3.76 -21.42
C1 NAG B . -10.45 -9.84 18.45
C2 NAG B . -11.23 -9.44 19.72
C3 NAG B . -12.68 -9.07 19.39
C4 NAG B . -12.74 -8.00 18.30
C5 NAG B . -11.98 -8.52 17.07
C6 NAG B . -11.92 -7.51 15.92
C7 NAG B . -10.27 -10.59 21.73
C8 NAG B . -10.45 -11.73 22.69
N2 NAG B . -11.18 -10.51 20.73
O3 NAG B . -13.36 -8.58 20.54
O4 NAG B . -14.12 -7.61 18.05
O5 NAG B . -10.62 -8.89 17.39
O6 NAG B . -11.66 -6.20 16.47
O7 NAG B . -9.37 -9.79 21.89
C1 NAG C . -9.00 -15.07 -23.79
C2 NAG C . -7.71 -15.83 -23.52
C3 NAG C . -7.70 -17.21 -24.16
C4 NAG C . -8.96 -17.99 -23.79
C5 NAG C . -10.17 -17.17 -24.23
C6 NAG C . -11.49 -17.87 -23.97
C7 NAG C . -5.63 -14.52 -23.26
C8 NAG C . -4.62 -13.69 -24.01
N2 NAG C . -6.59 -15.06 -24.04
O3 NAG C . -6.55 -17.91 -23.72
O4 NAG C . -8.91 -19.30 -24.40
O5 NAG C . -10.13 -15.91 -23.53
O6 NAG C . -11.83 -17.80 -22.59
O7 NAG C . -5.57 -14.64 -22.04
C1 NAG D . 15.97 -21.52 -7.47
C2 NAG D . 16.30 -21.97 -6.07
C3 NAG D . 16.47 -23.47 -6.21
C4 NAG D . 15.21 -24.05 -6.87
C5 NAG D . 14.92 -23.33 -8.19
C6 NAG D . 13.68 -23.89 -8.89
C7 NAG D . 17.58 -20.23 -4.91
C8 NAG D . 18.94 -19.75 -4.48
N2 NAG D . 17.54 -21.38 -5.58
O3 NAG D . 16.71 -24.07 -4.95
O4 NAG D . 15.25 -25.50 -7.02
O5 NAG D . 14.73 -21.97 -7.90
O6 NAG D . 13.86 -23.78 -10.32
O7 NAG D . 16.56 -19.61 -4.68
C1 NAG E . -19.36 18.84 2.27
C2 NAG E . -20.42 19.16 3.33
C3 NAG E . -20.13 20.36 4.23
C4 NAG E . -18.65 20.60 4.50
C5 NAG E . -17.78 20.29 3.29
C6 NAG E . -16.30 20.39 3.61
C7 NAG E . -22.55 18.41 2.36
C8 NAG E . -23.62 18.77 1.36
N2 NAG E . -21.66 19.38 2.59
O3 NAG E . -20.79 20.12 5.47
O4 NAG E . -18.45 21.97 4.88
O5 NAG E . -18.06 18.97 2.81
O6 NAG E . -15.62 19.23 3.10
O7 NAG E . -22.49 17.30 2.87
CA CA F . -7.13 3.80 -6.68
CHA HEM G . 6.24 1.96 0.62
CHB HEM G . 8.03 -2.50 1.03
CHC HEM G . 4.16 -3.82 3.64
CHD HEM G . 2.34 0.59 3.11
C1A HEM G . 7.05 0.88 0.54
C2A HEM G . 8.27 0.90 -0.18
C3A HEM G . 8.77 -0.34 -0.07
C4A HEM G . 7.86 -1.15 0.69
CMA HEM G . 10.08 -0.74 -0.70
CAA HEM G . 8.90 2.06 -0.93
CBA HEM G . 9.58 2.93 0.08
CGA HEM G . 10.17 4.21 -0.47
O1A HEM G . 10.06 5.32 0.17
O2A HEM G . 10.83 4.14 -1.53
C1B HEM G . 7.12 -3.25 1.78
C2B HEM G . 7.23 -4.68 2.00
C3B HEM G . 6.13 -5.07 2.71
C4B HEM G . 5.36 -3.82 2.94
CMB HEM G . 8.32 -5.60 1.55
CAB HEM G . 5.71 -6.39 3.28
CBB HEM G . 6.46 -7.51 3.31
C1C HEM G . 3.30 -2.75 3.71
C2C HEM G . 2.08 -2.76 4.40
C3C HEM G . 1.56 -1.47 4.25
C4C HEM G . 2.51 -0.72 3.50
CMC HEM G . 1.50 -3.93 5.13
CAC HEM G . 0.31 -0.89 4.81
CBC HEM G . -0.52 -1.47 5.67
C1D HEM G . 3.27 1.30 2.34
C2D HEM G . 3.01 2.63 1.81
C3D HEM G . 4.10 2.98 1.15
C4D HEM G . 5.01 1.88 1.27
CMD HEM G . 1.81 3.54 1.96
CAD HEM G . 4.29 4.28 0.38
CBD HEM G . 3.69 4.03 -1.02
CGD HEM G . 3.67 5.32 -1.82
O1D HEM G . 4.67 5.61 -2.55
O2D HEM G . 2.67 6.10 -1.76
NA HEM G . 6.80 -0.36 1.08
NB HEM G . 6.00 -2.79 2.38
NC HEM G . 3.54 -1.53 3.20
ND HEM G . 4.49 0.89 1.98
FE HEM G . 5.29 -0.80 2.35
I IOD H . 5.99 -2.21 -2.56
I IOD I . 8.64 -2.62 -7.07
I IOD J . -19.11 0.09 3.86
I IOD K . 4.71 -23.75 9.35
I IOD L . 2.15 -15.19 -19.93
I IOD M . 24.34 3.45 15.17
I IOD N . 0.71 16.90 3.54
I IOD O . -8.84 -26.63 3.03
I IOD P . 16.84 -6.54 -11.15
I IOD Q . 5.80 19.74 27.55
I IOD R . -12.88 -9.71 9.54
I IOD S . -8.72 3.72 -20.83
I IOD T . 19.68 5.08 -6.69
O OSM U . 19.50 -14.45 1.37
S OSM U . 18.99 -14.17 0.06
C OSM U . 17.47 -14.93 -0.12
N OSM U . 17.36 -14.83 -1.57
O OSM V . 8.09 -5.92 -12.81
S OSM V . 9.47 -6.33 -13.25
C OSM V . 9.27 -7.55 -14.62
N OSM V . 9.72 -8.96 -14.45
O OSM W . -9.82 -5.77 18.83
S OSM W . -8.59 -5.57 19.66
C OSM W . -7.82 -7.18 19.89
N OSM W . -6.61 -7.16 20.73
O OSM X . 3.26 -0.18 -20.01
S OSM X . 1.96 -0.79 -20.05
C OSM X . 1.33 -0.46 -21.77
N OSM X . 2.33 -0.54 -22.86
S SCN Y . 6.38 -21.29 -15.63
C SCN Y . 7.77 -20.39 -15.80
N SCN Y . 8.73 -19.78 -16.01
S SCN Z . 6.80 -6.21 -9.01
C SCN Z . 8.30 -5.83 -9.70
N SCN Z . 9.21 -5.45 -10.34
S SCN AA . 6.68 -1.57 -2.77
C SCN AA . 7.94 -1.79 -3.87
N SCN AA . 8.83 -2.17 -4.56
S SCN BA . 12.49 -20.04 9.16
C SCN BA . 12.49 -20.89 7.78
N SCN BA . 12.42 -21.53 6.85
O1 PEO CA . 4.10 -0.31 -0.04
O2 PEO CA . 4.64 -1.46 0.71
#